data_1R0E
#
_entry.id   1R0E
#
_cell.length_a   83.957
_cell.length_b   84.009
_cell.length_c   180.200
_cell.angle_alpha   90.00
_cell.angle_beta   90.00
_cell.angle_gamma   90.00
#
_symmetry.space_group_name_H-M   'P 21 21 21'
#
loop_
_entity.id
_entity.type
_entity.pdbx_description
1 polymer 'Glycogen synthase kinase-3 beta'
2 non-polymer 'CITRATE ANION'
3 non-polymer 3-[3-(2,3-DIHYDROXY-PROPYLAMINO)-PHENYL]-4-(5-FLUORO-1-METHYL-1H-INDOL-3-YL)-PYRROLE-2,5-DIONE
4 water water
#
_entity_poly.entity_id   1
_entity_poly.type   'polypeptide(L)'
_entity_poly.pdbx_seq_one_letter_code
;GAMSLSKVTTVVATPGQGPDRPQEVSYTDTKVIGNGSFGVVYQAKLCDSGELVAIKKVLQDKRFKNRELQIMRKLDHCNI
VRLRYFFYSSGEKKDEVYLNLVLDYVPETVYRVARHYSRAKQTLPVIYVKLYMYQLFRSLAYIHSFGICHRDIKPQNLLL
DPDTAVLKLCDFGSAKQLVRGEPNVSYICSRYYRAPELIFGATDYTSSIDVWSAGCVLAELLLGQPIFPGDSGVDQLVEI
IKVLGTPTREQIREMNPNYTEFKFPQIKAHPWTKVFRPRTPPEAIALCSRLLEYTPTARLTPLEACAHSFFDELRDPNVK
LPNGRDTPALFNFTTQELSSNPPLATILIPPHARIQAAASTPTNATAASDANTGDRGQTNNAASASASNST
;
_entity_poly.pdbx_strand_id   A,B
#
loop_
_chem_comp.id
_chem_comp.type
_chem_comp.name
_chem_comp.formula
DFN non-polymer 3-[3-(2,3-DIHYDROXY-PROPYLAMINO)-PHENYL]-4-(5-FLUORO-1-METHYL-1H-INDOL-3-YL)-PYRROLE-2,5-DIONE 'C22 H20 F N3 O4'
FLC non-polymer 'CITRATE ANION' 'C6 H5 O7 -3'
#
# COMPACT_ATOMS: atom_id res chain seq x y z
N SER A 6 36.80 -17.76 -3.98
CA SER A 6 35.34 -17.71 -4.32
C SER A 6 34.82 -19.04 -4.91
N LYS A 7 33.75 -19.55 -4.31
CA LYS A 7 33.00 -20.70 -4.82
C LYS A 7 32.74 -20.60 -6.31
N VAL A 8 33.03 -21.68 -7.04
CA VAL A 8 32.52 -21.87 -8.38
C VAL A 8 31.44 -22.95 -8.28
N THR A 9 30.23 -22.60 -8.70
CA THR A 9 29.10 -23.52 -8.66
C THR A 9 28.79 -23.98 -10.08
N THR A 10 28.66 -25.29 -10.25
CA THR A 10 28.31 -25.83 -11.55
C THR A 10 26.99 -26.55 -11.45
N VAL A 11 26.08 -26.18 -12.32
CA VAL A 11 24.76 -26.77 -12.34
C VAL A 11 24.50 -27.31 -13.73
N VAL A 12 23.50 -28.18 -13.86
CA VAL A 12 23.01 -28.54 -15.18
C VAL A 12 21.67 -27.83 -15.38
N ALA A 13 21.65 -26.91 -16.33
CA ALA A 13 20.54 -26.00 -16.49
C ALA A 13 19.99 -26.02 -17.89
N THR A 14 18.69 -25.78 -17.98
CA THR A 14 17.96 -25.74 -19.25
C THR A 14 17.95 -24.30 -19.75
N PRO A 15 18.34 -24.07 -21.01
CA PRO A 15 18.26 -22.73 -21.60
C PRO A 15 16.83 -22.25 -21.54
N GLY A 16 16.66 -20.94 -21.38
CA GLY A 16 15.36 -20.36 -21.16
C GLY A 16 14.36 -20.64 -22.25
N GLN A 17 14.73 -20.41 -23.50
CA GLN A 17 13.72 -20.50 -24.54
C GLN A 17 13.99 -21.49 -25.69
N GLY A 18 15.21 -22.04 -25.74
CA GLY A 18 15.59 -22.87 -26.87
C GLY A 18 14.96 -24.27 -26.84
N PRO A 19 15.63 -25.24 -27.45
CA PRO A 19 15.25 -26.63 -27.25
C PRO A 19 15.66 -27.06 -25.84
N ASP A 20 14.88 -27.96 -25.24
CA ASP A 20 15.16 -28.51 -23.92
C ASP A 20 16.44 -29.37 -23.89
N ARG A 21 17.60 -28.72 -23.98
CA ARG A 21 18.87 -29.42 -23.91
C ARG A 21 19.78 -28.80 -22.86
N PRO A 22 19.76 -29.37 -21.66
CA PRO A 22 20.53 -28.83 -20.54
C PRO A 22 22.02 -28.73 -20.82
N GLN A 23 22.69 -27.79 -20.18
CA GLN A 23 24.12 -27.59 -20.31
C GLN A 23 24.72 -27.43 -18.95
N GLU A 24 25.99 -27.76 -18.81
CA GLU A 24 26.70 -27.49 -17.57
C GLU A 24 26.95 -25.98 -17.54
N VAL A 25 26.49 -25.34 -16.47
CA VAL A 25 26.67 -23.89 -16.33
C VAL A 25 27.43 -23.64 -15.04
N SER A 26 28.55 -22.95 -15.19
CA SER A 26 29.40 -22.63 -14.06
C SER A 26 29.28 -21.15 -13.78
N TYR A 27 29.07 -20.80 -12.52
CA TYR A 27 29.04 -19.40 -12.15
C TYR A 27 29.76 -19.17 -10.83
N THR A 28 30.15 -17.92 -10.61
CA THR A 28 30.86 -17.55 -9.39
C THR A 28 30.53 -16.12 -8.95
N ASP A 29 31.13 -15.70 -7.82
CA ASP A 29 30.91 -14.38 -7.20
C ASP A 29 29.47 -14.22 -6.76
N THR A 30 28.94 -15.27 -6.15
CA THR A 30 27.54 -15.35 -5.77
C THR A 30 27.28 -14.55 -4.49
N LYS A 31 26.46 -13.51 -4.61
CA LYS A 31 26.01 -12.75 -3.44
C LYS A 31 24.51 -12.48 -3.50
N VAL A 32 23.87 -12.46 -2.33
CA VAL A 32 22.48 -12.05 -2.23
C VAL A 32 22.39 -10.56 -2.56
N ILE A 33 21.47 -10.21 -3.45
CA ILE A 33 21.19 -8.81 -3.74
C ILE A 33 19.78 -8.43 -3.30
N GLY A 34 18.95 -9.44 -3.10
CA GLY A 34 17.58 -9.19 -2.73
C GLY A 34 16.92 -10.39 -2.11
N ASN A 35 15.86 -10.08 -1.36
CA ASN A 35 15.11 -11.04 -0.59
C ASN A 35 13.76 -10.39 -0.33
N GLY A 36 12.71 -11.00 -0.88
CA GLY A 36 11.36 -10.49 -0.72
C GLY A 36 10.36 -11.58 -1.04
N SER A 37 9.15 -11.17 -1.46
CA SER A 37 8.14 -12.13 -1.92
C SER A 37 8.59 -12.82 -3.24
N PHE A 38 9.25 -12.05 -4.11
CA PHE A 38 9.91 -12.60 -5.30
C PHE A 38 10.95 -13.69 -4.99
N GLY A 39 11.27 -13.86 -3.70
CA GLY A 39 12.18 -14.90 -3.23
C GLY A 39 13.57 -14.34 -2.92
N VAL A 40 14.55 -15.22 -2.81
CA VAL A 40 15.94 -14.77 -2.76
C VAL A 40 16.41 -14.50 -4.18
N VAL A 41 17.06 -13.36 -4.37
CA VAL A 41 17.72 -13.07 -5.64
C VAL A 41 19.21 -12.89 -5.42
N TYR A 42 19.99 -13.60 -6.23
CA TYR A 42 21.44 -13.55 -6.20
C TYR A 42 21.95 -12.83 -7.44
N GLN A 43 23.13 -12.23 -7.30
CA GLN A 43 23.90 -11.79 -8.46
C GLN A 43 25.05 -12.77 -8.55
N ALA A 44 25.53 -13.05 -9.76
CA ALA A 44 26.68 -13.92 -9.93
C ALA A 44 27.30 -13.66 -11.29
N LYS A 45 28.42 -14.32 -11.56
CA LYS A 45 29.19 -14.12 -12.77
C LYS A 45 29.33 -15.45 -13.48
N LEU A 46 29.06 -15.46 -14.78
CA LEU A 46 29.17 -16.68 -15.57
C LEU A 46 30.64 -16.91 -15.93
N CYS A 47 31.17 -18.07 -15.54
CA CYS A 47 32.58 -18.40 -15.73
C CYS A 47 33.05 -18.40 -17.18
N ASP A 48 32.18 -18.82 -18.10
CA ASP A 48 32.53 -18.86 -19.52
C ASP A 48 32.76 -17.47 -20.09
N SER A 49 31.73 -16.63 -19.99
CA SER A 49 31.67 -15.34 -20.69
C SER A 49 32.03 -14.14 -19.82
N GLY A 50 32.09 -14.33 -18.51
CA GLY A 50 32.23 -13.21 -17.59
C GLY A 50 30.97 -12.35 -17.38
N GLU A 51 29.88 -12.67 -18.09
CA GLU A 51 28.61 -11.96 -17.93
C GLU A 51 28.02 -12.10 -16.52
N LEU A 52 27.58 -10.97 -15.97
CA LEU A 52 26.87 -10.96 -14.70
C LEU A 52 25.43 -11.40 -14.95
N VAL A 53 24.89 -12.16 -13.99
CA VAL A 53 23.52 -12.64 -14.08
C VAL A 53 22.82 -12.45 -12.75
N ALA A 54 21.48 -12.46 -12.77
CA ALA A 54 20.71 -12.58 -11.55
C ALA A 54 20.21 -13.99 -11.46
N ILE A 55 20.17 -14.56 -10.26
CA ILE A 55 19.55 -15.87 -10.07
C ILE A 55 18.42 -15.75 -9.06
N LYS A 56 17.19 -15.95 -9.52
CA LYS A 56 16.03 -15.92 -8.64
C LYS A 56 15.69 -17.34 -8.22
N LYS A 57 15.77 -17.58 -6.91
CA LYS A 57 15.52 -18.89 -6.32
C LYS A 57 14.23 -18.88 -5.51
N VAL A 58 13.29 -19.72 -5.90
CA VAL A 58 12.02 -19.87 -5.17
C VAL A 58 11.74 -21.33 -4.86
N LEU A 59 11.01 -21.59 -3.77
CA LEU A 59 10.54 -22.94 -3.47
C LEU A 59 9.48 -23.36 -4.47
N GLN A 60 9.63 -24.55 -5.05
CA GLN A 60 8.64 -25.02 -6.02
C GLN A 60 7.61 -25.91 -5.36
N ASP A 61 6.35 -25.48 -5.44
CA ASP A 61 5.21 -26.26 -4.95
C ASP A 61 5.23 -27.68 -5.53
N LYS A 62 4.64 -28.61 -4.80
CA LYS A 62 4.50 -29.99 -5.26
C LYS A 62 3.45 -30.09 -6.38
N ARG A 63 2.28 -29.47 -6.14
CA ARG A 63 1.08 -29.68 -6.94
C ARG A 63 1.09 -29.03 -8.33
N PHE A 64 1.57 -27.80 -8.41
CA PHE A 64 1.45 -27.05 -9.67
C PHE A 64 2.75 -26.95 -10.48
N LYS A 65 2.63 -26.41 -11.70
CA LYS A 65 3.78 -25.98 -12.49
C LYS A 65 4.11 -24.59 -11.98
N ASN A 66 5.35 -24.13 -12.18
CA ASN A 66 5.66 -22.74 -11.89
C ASN A 66 5.18 -21.82 -13.02
N ARG A 67 4.26 -20.91 -12.69
CA ARG A 67 3.66 -20.01 -13.67
C ARG A 67 4.67 -18.97 -14.24
N GLU A 68 5.50 -18.42 -13.37
CA GLU A 68 6.53 -17.49 -13.81
C GLU A 68 7.44 -18.16 -14.84
N LEU A 69 7.93 -19.35 -14.52
CA LEU A 69 8.80 -20.09 -15.42
C LEU A 69 8.12 -20.25 -16.77
N GLN A 70 6.87 -20.70 -16.74
CA GLN A 70 6.09 -20.95 -17.94
C GLN A 70 6.05 -19.71 -18.77
N ILE A 71 5.79 -18.56 -18.15
CA ILE A 71 5.75 -17.30 -18.89
C ILE A 71 7.13 -16.86 -19.39
N MET A 72 8.15 -16.98 -18.55
CA MET A 72 9.49 -16.51 -18.95
C MET A 72 10.06 -17.30 -20.14
N ARG A 73 9.83 -18.62 -20.16
CA ARG A 73 10.29 -19.48 -21.25
C ARG A 73 9.74 -19.01 -22.60
N LYS A 74 8.60 -18.33 -22.60
CA LYS A 74 8.01 -17.79 -23.82
C LYS A 74 8.61 -16.48 -24.32
N LEU A 75 9.35 -15.77 -23.48
CA LEU A 75 9.68 -14.38 -23.83
C LEU A 75 11.15 -14.17 -24.21
N ASP A 76 11.36 -13.33 -25.21
CA ASP A 76 12.69 -12.92 -25.63
C ASP A 76 12.49 -11.56 -26.25
N HIS A 77 12.93 -10.54 -25.53
CA HIS A 77 12.73 -9.16 -25.94
C HIS A 77 13.77 -8.30 -25.25
N CYS A 78 14.30 -7.33 -25.97
CA CYS A 78 15.38 -6.48 -25.47
C CYS A 78 15.02 -5.58 -24.27
N ASN A 79 13.73 -5.35 -24.03
CA ASN A 79 13.31 -4.56 -22.85
C ASN A 79 12.67 -5.38 -21.75
N ILE A 80 12.93 -6.69 -21.79
CA ILE A 80 12.49 -7.59 -20.74
C ILE A 80 13.68 -8.42 -20.35
N VAL A 81 13.87 -8.56 -19.05
CA VAL A 81 14.90 -9.39 -18.50
C VAL A 81 14.70 -10.83 -18.99
N ARG A 82 15.73 -11.35 -19.64
CA ARG A 82 15.63 -12.64 -20.29
C ARG A 82 15.98 -13.78 -19.36
N LEU A 83 15.17 -14.83 -19.44
CA LEU A 83 15.51 -16.07 -18.77
C LEU A 83 16.59 -16.78 -19.58
N ARG A 84 17.80 -16.80 -19.06
CA ARG A 84 18.90 -17.45 -19.73
C ARG A 84 18.85 -18.95 -19.53
N TYR A 85 18.75 -19.38 -18.27
CA TYR A 85 18.68 -20.79 -17.92
C TYR A 85 17.77 -20.91 -16.71
N PHE A 86 17.29 -22.13 -16.46
CA PHE A 86 16.70 -22.46 -15.19
C PHE A 86 17.21 -23.82 -14.76
N PHE A 87 17.29 -24.03 -13.46
CA PHE A 87 17.67 -25.32 -12.91
C PHE A 87 16.99 -25.52 -11.56
N TYR A 88 17.04 -26.75 -11.08
CA TYR A 88 16.50 -27.11 -9.79
C TYR A 88 17.65 -27.41 -8.84
N SER A 89 17.44 -27.14 -7.56
CA SER A 89 18.43 -27.37 -6.53
C SER A 89 17.71 -27.68 -5.23
N SER A 90 18.48 -28.13 -4.25
CA SER A 90 17.96 -28.37 -2.90
C SER A 90 18.85 -27.67 -1.90
N GLU A 96 13.72 -29.82 0.41
CA GLU A 96 12.70 -29.56 -0.62
C GLU A 96 13.35 -29.00 -1.89
N VAL A 97 12.56 -28.86 -2.96
CA VAL A 97 13.08 -28.47 -4.28
C VAL A 97 12.91 -26.98 -4.54
N TYR A 98 13.98 -26.38 -5.05
CA TYR A 98 14.04 -24.96 -5.40
C TYR A 98 14.20 -24.77 -6.89
N LEU A 99 13.36 -23.91 -7.47
CA LEU A 99 13.52 -23.48 -8.84
C LEU A 99 14.45 -22.26 -8.89
N ASN A 100 15.40 -22.27 -9.83
CA ASN A 100 16.37 -21.20 -9.96
C ASN A 100 16.29 -20.62 -11.35
N LEU A 101 15.98 -19.34 -11.45
CA LEU A 101 15.95 -18.66 -12.73
C LEU A 101 17.23 -17.87 -12.90
N VAL A 102 17.95 -18.16 -13.97
CA VAL A 102 19.16 -17.42 -14.33
C VAL A 102 18.81 -16.34 -15.33
N LEU A 103 19.03 -15.08 -14.93
CA LEU A 103 18.42 -13.97 -15.63
C LEU A 103 19.45 -12.92 -16.05
N ASP A 104 19.11 -12.10 -17.02
CA ASP A 104 19.88 -10.88 -17.29
C ASP A 104 20.09 -10.15 -15.96
N TYR A 105 21.29 -9.61 -15.77
CA TYR A 105 21.51 -8.72 -14.64
C TYR A 105 21.59 -7.30 -15.17
N VAL A 106 20.84 -6.39 -14.56
CA VAL A 106 20.80 -4.96 -14.92
C VAL A 106 20.95 -4.20 -13.58
N PRO A 107 21.93 -3.30 -13.47
CA PRO A 107 22.37 -2.84 -12.15
C PRO A 107 21.48 -1.80 -11.49
N GLU A 108 20.74 -1.00 -12.24
CA GLU A 108 19.97 0.10 -11.63
C GLU A 108 18.46 -0.03 -11.75
N THR A 109 17.71 0.82 -11.07
CA THR A 109 16.27 0.82 -11.22
C THR A 109 15.76 2.21 -11.39
N VAL A 110 14.63 2.33 -12.07
CA VAL A 110 13.92 3.59 -12.17
C VAL A 110 13.55 4.11 -10.78
N TYR A 111 13.18 3.22 -9.87
CA TYR A 111 12.92 3.59 -8.48
C TYR A 111 14.10 4.34 -7.85
N ARG A 112 15.30 3.76 -7.94
CA ARG A 112 16.48 4.34 -7.30
C ARG A 112 16.89 5.63 -8.03
N VAL A 113 16.84 5.64 -9.34
CA VAL A 113 17.19 6.81 -10.11
C VAL A 113 16.23 7.98 -9.82
N ALA A 114 14.91 7.74 -9.87
CA ALA A 114 13.98 8.83 -9.59
C ALA A 114 14.26 9.41 -8.22
N ARG A 115 14.66 8.54 -7.31
CA ARG A 115 14.99 8.90 -5.95
C ARG A 115 16.28 9.72 -5.86
N HIS A 116 17.34 9.36 -6.58
CA HIS A 116 18.52 10.24 -6.62
C HIS A 116 18.13 11.66 -7.07
N TYR A 117 17.38 11.78 -8.15
CA TYR A 117 17.01 13.10 -8.66
C TYR A 117 16.11 13.85 -7.68
N SER A 118 15.12 13.15 -7.13
CA SER A 118 14.19 13.70 -6.18
C SER A 118 14.87 14.37 -4.97
N ARG A 119 15.82 13.67 -4.37
CA ARG A 119 16.47 14.21 -3.18
C ARG A 119 17.63 15.16 -3.46
N ALA A 120 17.99 15.29 -4.73
CA ALA A 120 18.89 16.34 -5.19
C ALA A 120 18.04 17.51 -5.67
N LYS A 121 16.74 17.44 -5.44
CA LYS A 121 15.78 18.42 -5.95
C LYS A 121 15.97 18.76 -7.45
N GLN A 122 16.37 17.77 -8.24
CA GLN A 122 16.34 17.86 -9.69
C GLN A 122 15.28 16.91 -10.26
N THR A 123 14.81 17.16 -11.46
CA THR A 123 13.98 16.16 -12.13
C THR A 123 14.78 15.49 -13.22
N LEU A 124 14.44 14.23 -13.44
CA LEU A 124 15.03 13.44 -14.49
C LEU A 124 14.81 14.19 -15.79
N PRO A 125 15.90 14.42 -16.51
CA PRO A 125 15.82 15.03 -17.84
C PRO A 125 14.79 14.31 -18.68
N VAL A 126 14.03 15.08 -19.43
CA VAL A 126 12.96 14.55 -20.26
C VAL A 126 13.44 13.52 -21.30
N ILE A 127 14.68 13.64 -21.79
CA ILE A 127 15.18 12.63 -22.74
C ILE A 127 15.13 11.21 -22.10
N TYR A 128 15.47 11.13 -20.82
CA TYR A 128 15.43 9.85 -20.11
C TYR A 128 13.99 9.38 -19.88
N VAL A 129 13.10 10.33 -19.61
CA VAL A 129 11.69 10.01 -19.45
C VAL A 129 11.19 9.39 -20.76
N LYS A 130 11.51 10.03 -21.87
CA LYS A 130 11.15 9.47 -23.18
C LYS A 130 11.70 8.06 -23.36
N LEU A 131 13.00 7.91 -23.16
CA LEU A 131 13.68 6.65 -23.42
C LEU A 131 13.14 5.55 -22.57
N TYR A 132 12.93 5.83 -21.28
CA TYR A 132 12.53 4.79 -20.32
C TYR A 132 11.08 4.40 -20.54
N MET A 133 10.23 5.41 -20.71
CA MET A 133 8.80 5.14 -20.87
C MET A 133 8.54 4.41 -22.21
N TYR A 134 9.25 4.83 -23.25
CA TYR A 134 9.10 4.22 -24.58
C TYR A 134 9.42 2.76 -24.47
N GLN A 135 10.52 2.47 -23.79
CA GLN A 135 10.97 1.10 -23.71
C GLN A 135 10.08 0.28 -22.80
N LEU A 136 9.44 0.92 -21.81
CA LEU A 136 8.50 0.21 -20.94
C LEU A 136 7.31 -0.18 -21.83
N PHE A 137 6.78 0.76 -22.58
CA PHE A 137 5.66 0.49 -23.47
C PHE A 137 5.94 -0.60 -24.51
N ARG A 138 7.16 -0.65 -25.03
CA ARG A 138 7.55 -1.75 -25.91
C ARG A 138 7.44 -3.06 -25.16
N SER A 139 8.00 -3.12 -23.95
CA SER A 139 7.92 -4.38 -23.20
C SER A 139 6.46 -4.76 -22.97
N LEU A 140 5.58 -3.77 -22.79
CA LEU A 140 4.18 -4.09 -22.56
C LEU A 140 3.46 -4.51 -23.87
N ALA A 141 3.75 -3.82 -24.99
CA ALA A 141 3.18 -4.24 -26.28
C ALA A 141 3.54 -5.70 -26.51
N TYR A 142 4.79 -6.03 -26.24
CA TYR A 142 5.25 -7.38 -26.40
C TYR A 142 4.50 -8.36 -25.52
N ILE A 143 4.54 -8.22 -24.18
CA ILE A 143 3.85 -9.20 -23.36
C ILE A 143 2.33 -9.24 -23.56
N HIS A 144 1.73 -8.09 -23.81
CA HIS A 144 0.28 -8.08 -24.04
C HIS A 144 -0.12 -8.83 -25.32
N SER A 145 0.82 -8.97 -26.27
CA SER A 145 0.54 -9.63 -27.55
C SER A 145 0.46 -11.13 -27.35
N PHE A 146 1.00 -11.61 -26.24
CA PHE A 146 0.79 -12.99 -25.83
C PHE A 146 -0.44 -13.06 -24.93
N GLY A 147 -1.14 -11.95 -24.75
CA GLY A 147 -2.16 -11.85 -23.71
C GLY A 147 -1.66 -11.89 -22.26
N ILE A 148 -0.37 -11.66 -22.05
CA ILE A 148 0.22 -11.69 -20.71
C ILE A 148 0.20 -10.30 -20.07
N CYS A 149 -0.39 -10.23 -18.88
CA CYS A 149 -0.44 -8.97 -18.10
C CYS A 149 0.56 -9.13 -16.97
N HIS A 150 1.41 -8.14 -16.81
CA HIS A 150 2.48 -8.18 -15.80
C HIS A 150 1.89 -8.08 -14.37
N ARG A 151 0.98 -7.14 -14.15
CA ARG A 151 0.20 -6.95 -12.89
C ARG A 151 0.97 -6.33 -11.70
N ASP A 152 2.13 -5.75 -11.97
CA ASP A 152 2.87 -5.08 -10.91
C ASP A 152 3.93 -4.19 -11.53
N ILE A 153 3.47 -3.35 -12.44
CA ILE A 153 4.32 -2.37 -13.07
C ILE A 153 4.52 -1.26 -12.03
N LYS A 154 5.78 -1.06 -11.66
CA LYS A 154 6.14 -0.01 -10.71
C LYS A 154 7.62 0.28 -10.97
N PRO A 155 8.09 1.45 -10.55
CA PRO A 155 9.49 1.86 -10.77
C PRO A 155 10.54 0.85 -10.32
N GLN A 156 10.30 0.16 -9.22
CA GLN A 156 11.19 -0.89 -8.76
C GLN A 156 11.34 -2.07 -9.74
N ASN A 157 10.37 -2.25 -10.64
CA ASN A 157 10.44 -3.37 -11.57
C ASN A 157 10.95 -2.92 -12.93
N LEU A 158 11.47 -1.69 -12.96
CA LEU A 158 12.06 -1.17 -14.18
C LEU A 158 13.57 -1.04 -13.98
N LEU A 159 14.30 -1.99 -14.54
CA LEU A 159 15.73 -2.03 -14.42
C LEU A 159 16.39 -1.19 -15.51
N LEU A 160 17.51 -0.58 -15.18
CA LEU A 160 18.15 0.36 -16.08
C LEU A 160 19.63 0.10 -16.14
N ASP A 161 20.19 0.23 -17.34
CA ASP A 161 21.62 0.36 -17.51
C ASP A 161 21.90 1.84 -17.70
N PRO A 162 22.66 2.44 -16.76
CA PRO A 162 22.97 3.89 -16.82
C PRO A 162 23.85 4.32 -18.00
N ASP A 163 24.68 3.42 -18.55
CA ASP A 163 25.53 3.81 -19.68
C ASP A 163 24.81 3.74 -21.03
N THR A 164 23.97 2.74 -21.22
CA THR A 164 23.31 2.55 -22.51
C THR A 164 21.88 3.02 -22.50
N ALA A 165 21.36 3.32 -21.32
CA ALA A 165 19.98 3.80 -21.17
C ALA A 165 18.94 2.77 -21.63
N VAL A 166 19.34 1.49 -21.64
CA VAL A 166 18.43 0.38 -21.84
C VAL A 166 17.59 0.19 -20.58
N LEU A 167 16.30 -0.04 -20.78
CA LEU A 167 15.40 -0.38 -19.68
C LEU A 167 14.92 -1.80 -19.89
N LYS A 168 14.94 -2.62 -18.84
CA LYS A 168 14.31 -3.93 -18.86
C LYS A 168 13.30 -4.11 -17.73
N LEU A 169 12.11 -4.55 -18.11
CA LEU A 169 11.08 -4.93 -17.16
C LEU A 169 11.46 -6.24 -16.52
N CYS A 170 11.27 -6.33 -15.20
CA CYS A 170 11.63 -7.53 -14.49
C CYS A 170 10.50 -7.93 -13.54
N ASP A 171 10.72 -9.03 -12.81
CA ASP A 171 9.78 -9.62 -11.86
C ASP A 171 8.43 -10.03 -12.44
N PHE A 172 8.41 -11.23 -12.99
CA PHE A 172 7.21 -11.76 -13.60
C PHE A 172 6.43 -12.66 -12.63
N GLY A 173 6.71 -12.50 -11.33
CA GLY A 173 6.09 -13.27 -10.25
C GLY A 173 4.57 -13.11 -10.12
N SER A 174 4.01 -12.06 -10.69
CA SER A 174 2.58 -11.88 -10.59
C SER A 174 1.94 -11.87 -11.98
N ALA A 175 2.77 -11.98 -13.02
CA ALA A 175 2.31 -11.88 -14.39
C ALA A 175 1.37 -13.07 -14.69
N LYS A 176 0.40 -12.85 -15.56
CA LYS A 176 -0.56 -13.91 -15.87
C LYS A 176 -1.20 -13.67 -17.24
N GLN A 177 -1.34 -14.75 -18.02
CA GLN A 177 -2.13 -14.71 -19.26
C GLN A 177 -3.57 -14.47 -18.87
N LEU A 178 -4.11 -13.34 -19.32
CA LEU A 178 -5.47 -12.95 -19.01
C LEU A 178 -6.43 -13.49 -20.08
N VAL A 179 -7.37 -14.32 -19.64
CA VAL A 179 -8.39 -14.90 -20.52
C VAL A 179 -9.76 -14.31 -20.21
N ARG A 180 -10.37 -13.70 -21.23
CA ARG A 180 -11.73 -13.15 -21.16
C ARG A 180 -12.70 -14.15 -20.53
N GLY A 181 -13.50 -13.65 -19.60
CA GLY A 181 -14.46 -14.46 -18.87
C GLY A 181 -13.88 -15.26 -17.72
N GLU A 182 -12.55 -15.45 -17.69
CA GLU A 182 -11.92 -16.15 -16.56
C GLU A 182 -11.49 -15.13 -15.49
N PRO A 183 -11.99 -15.31 -14.26
CA PRO A 183 -11.79 -14.31 -13.19
C PRO A 183 -10.33 -14.20 -12.73
N ASN A 184 -9.92 -12.99 -12.37
CA ASN A 184 -8.56 -12.78 -11.85
C ASN A 184 -8.56 -12.15 -10.46
N VAL A 185 -7.63 -12.55 -9.59
CA VAL A 185 -7.56 -11.87 -8.28
C VAL A 185 -7.39 -10.37 -8.46
N SER A 186 -8.08 -9.59 -7.63
CA SER A 186 -8.00 -8.14 -7.70
C SER A 186 -6.78 -7.59 -6.95
N TYR A 187 -6.19 -8.41 -6.10
CA TYR A 187 -5.31 -7.89 -5.07
C TYR A 187 -3.82 -7.82 -5.50
N ILE A 188 -3.63 -7.64 -6.80
CA ILE A 188 -2.32 -7.43 -7.40
C ILE A 188 -2.08 -5.96 -7.63
N CYS A 189 -0.82 -5.62 -7.93
CA CYS A 189 -0.39 -4.25 -8.12
C CYS A 189 -0.10 -3.54 -6.82
N SER A 190 0.86 -2.63 -6.89
CA SER A 190 1.45 -2.06 -5.71
C SER A 190 0.92 -0.66 -5.50
N ARG A 191 0.86 -0.30 -4.24
CA ARG A 191 0.50 1.05 -3.79
C ARG A 191 1.06 2.14 -4.67
N TYR A 192 0.19 3.08 -5.05
CA TYR A 192 0.50 4.17 -5.99
C TYR A 192 0.18 3.81 -7.43
N TYR A 193 0.36 2.55 -7.81
CA TYR A 193 0.31 2.15 -9.24
C TYR A 193 -0.96 1.40 -9.69
N ARG A 194 -1.89 1.18 -8.75
CA ARG A 194 -3.10 0.38 -9.05
C ARG A 194 -4.15 1.16 -9.81
N ALA A 195 -4.66 0.54 -10.87
CA ALA A 195 -5.77 1.07 -11.65
C ALA A 195 -6.99 1.11 -10.75
N PRO A 196 -7.83 2.11 -10.90
CA PRO A 196 -9.00 2.27 -10.04
C PRO A 196 -9.88 1.02 -10.04
N GLU A 197 -10.03 0.37 -11.19
CA GLU A 197 -10.81 -0.87 -11.22
C GLU A 197 -10.29 -1.91 -10.23
N LEU A 198 -8.98 -1.92 -9.99
CA LEU A 198 -8.41 -2.84 -8.99
C LEU A 198 -8.68 -2.36 -7.58
N ILE A 199 -8.61 -1.05 -7.40
CA ILE A 199 -8.93 -0.49 -6.10
C ILE A 199 -10.36 -0.88 -5.74
N PHE A 200 -11.25 -0.78 -6.73
CA PHE A 200 -12.65 -1.20 -6.54
C PHE A 200 -12.84 -2.69 -6.41
N GLY A 201 -11.79 -3.47 -6.61
CA GLY A 201 -11.92 -4.91 -6.46
C GLY A 201 -12.34 -5.64 -7.73
N ALA A 202 -12.17 -5.02 -8.90
CA ALA A 202 -12.50 -5.68 -10.18
C ALA A 202 -11.76 -6.98 -10.32
N THR A 203 -12.45 -7.94 -10.88
CA THR A 203 -11.93 -9.29 -10.98
C THR A 203 -11.85 -9.67 -12.48
N ASP A 204 -12.35 -8.76 -13.31
CA ASP A 204 -12.52 -8.96 -14.76
C ASP A 204 -11.75 -7.88 -15.53
N TYR A 205 -10.67 -7.40 -14.92
CA TYR A 205 -9.85 -6.37 -15.54
C TYR A 205 -9.06 -6.95 -16.71
N THR A 206 -8.52 -6.05 -17.54
CA THR A 206 -7.73 -6.42 -18.70
C THR A 206 -6.27 -6.01 -18.50
N SER A 207 -5.45 -6.30 -19.50
CA SER A 207 -4.06 -5.92 -19.55
C SER A 207 -3.84 -4.42 -19.45
N SER A 208 -4.89 -3.66 -19.67
CA SER A 208 -4.84 -2.21 -19.59
C SER A 208 -4.53 -1.68 -18.15
N ILE A 209 -4.59 -2.51 -17.12
CA ILE A 209 -4.12 -2.10 -15.81
C ILE A 209 -2.61 -1.79 -15.86
N ASP A 210 -1.87 -2.56 -16.68
CA ASP A 210 -0.42 -2.39 -16.82
C ASP A 210 -0.18 -1.00 -17.37
N VAL A 211 -1.10 -0.54 -18.23
CA VAL A 211 -0.99 0.76 -18.89
C VAL A 211 -1.27 1.91 -17.91
N TRP A 212 -2.25 1.71 -17.03
CA TRP A 212 -2.52 2.68 -15.98
C TRP A 212 -1.27 2.82 -15.14
N SER A 213 -0.74 1.69 -14.71
CA SER A 213 0.46 1.66 -13.91
C SER A 213 1.62 2.43 -14.59
N ALA A 214 1.80 2.25 -15.89
CA ALA A 214 2.83 2.95 -16.66
C ALA A 214 2.57 4.42 -16.71
N GLY A 215 1.30 4.80 -16.88
CA GLY A 215 0.92 6.20 -16.80
C GLY A 215 1.30 6.79 -15.43
N CYS A 216 1.12 6.03 -14.34
CA CYS A 216 1.55 6.49 -13.02
C CYS A 216 3.05 6.68 -12.93
N VAL A 217 3.81 5.79 -13.58
CA VAL A 217 5.25 5.92 -13.63
C VAL A 217 5.69 7.19 -14.39
N LEU A 218 5.09 7.41 -15.56
CA LEU A 218 5.40 8.59 -16.35
C LEU A 218 5.11 9.87 -15.53
N ALA A 219 3.88 9.98 -15.03
CA ALA A 219 3.48 11.07 -14.16
C ALA A 219 4.49 11.27 -13.01
N GLU A 220 4.88 10.19 -12.34
CA GLU A 220 5.87 10.23 -11.26
C GLU A 220 7.24 10.80 -11.69
N LEU A 221 7.69 10.41 -12.88
CA LEU A 221 8.97 10.84 -13.39
C LEU A 221 8.95 12.31 -13.75
N LEU A 222 7.81 12.79 -14.23
CA LEU A 222 7.64 14.19 -14.55
C LEU A 222 7.44 15.06 -13.32
N LEU A 223 6.71 14.55 -12.32
CA LEU A 223 6.39 15.32 -11.10
C LEU A 223 7.50 15.33 -10.05
N GLY A 224 8.31 14.28 -10.01
CA GLY A 224 9.28 14.12 -8.96
C GLY A 224 8.70 13.41 -7.75
N GLN A 225 7.48 12.90 -7.89
CA GLN A 225 6.82 12.21 -6.78
C GLN A 225 5.57 11.53 -7.35
N PRO A 226 5.04 10.53 -6.65
CA PRO A 226 3.87 9.78 -7.14
C PRO A 226 2.69 10.71 -7.40
N ILE A 227 1.95 10.50 -8.48
CA ILE A 227 0.79 11.33 -8.78
C ILE A 227 -0.42 10.96 -7.92
N PHE A 228 -0.53 9.68 -7.56
CA PHE A 228 -1.67 9.25 -6.77
C PHE A 228 -1.28 8.59 -5.47
N PRO A 229 -0.65 9.33 -4.55
CA PRO A 229 -0.16 8.72 -3.31
C PRO A 229 -1.31 8.31 -2.39
N GLY A 230 -1.01 7.52 -1.37
CA GLY A 230 -1.99 7.13 -0.37
C GLY A 230 -1.67 5.72 0.09
N ASP A 231 -1.76 5.46 1.39
CA ASP A 231 -1.46 4.12 1.87
C ASP A 231 -2.70 3.20 1.86
N SER A 232 -3.87 3.77 1.61
CA SER A 232 -5.15 3.04 1.53
C SER A 232 -5.79 3.34 0.18
N GLY A 233 -6.62 2.44 -0.32
CA GLY A 233 -7.30 2.69 -1.61
C GLY A 233 -8.14 3.96 -1.53
N VAL A 234 -8.75 4.19 -0.37
CA VAL A 234 -9.51 5.41 -0.09
C VAL A 234 -8.71 6.68 -0.43
N ASP A 235 -7.54 6.83 0.19
CA ASP A 235 -6.67 7.97 -0.08
C ASP A 235 -6.22 8.01 -1.55
N GLN A 236 -5.89 6.86 -2.12
CA GLN A 236 -5.52 6.81 -3.55
C GLN A 236 -6.67 7.31 -4.41
N LEU A 237 -7.88 6.84 -4.14
CA LEU A 237 -9.03 7.31 -4.95
C LEU A 237 -9.27 8.80 -4.82
N VAL A 238 -9.13 9.34 -3.60
CA VAL A 238 -9.21 10.79 -3.40
C VAL A 238 -8.25 11.49 -4.33
N GLU A 239 -7.00 11.03 -4.41
CA GLU A 239 -6.01 11.71 -5.27
C GLU A 239 -6.34 11.55 -6.75
N ILE A 240 -6.82 10.37 -7.13
CA ILE A 240 -7.18 10.10 -8.52
C ILE A 240 -8.36 11.02 -8.91
N ILE A 241 -9.38 11.07 -8.06
CA ILE A 241 -10.53 11.93 -8.32
C ILE A 241 -10.12 13.41 -8.37
N LYS A 242 -9.20 13.86 -7.50
CA LYS A 242 -8.75 15.26 -7.53
C LYS A 242 -8.23 15.68 -8.91
N VAL A 243 -7.75 14.72 -9.70
CA VAL A 243 -7.13 15.00 -10.99
C VAL A 243 -8.12 14.72 -12.12
N LEU A 244 -8.77 13.57 -12.06
CA LEU A 244 -9.59 13.07 -13.16
C LEU A 244 -11.04 13.50 -13.06
N GLY A 245 -11.41 14.13 -11.95
CA GLY A 245 -12.80 14.39 -11.65
C GLY A 245 -13.47 13.12 -11.17
N THR A 246 -14.68 13.27 -10.63
CA THR A 246 -15.48 12.14 -10.16
C THR A 246 -15.80 11.23 -11.36
N PRO A 247 -15.71 9.91 -11.19
CA PRO A 247 -16.16 9.00 -12.24
C PRO A 247 -17.67 9.08 -12.42
N THR A 248 -18.11 8.97 -13.67
CA THR A 248 -19.53 8.91 -14.00
C THR A 248 -20.11 7.60 -13.47
N ARG A 249 -21.44 7.53 -13.39
CA ARG A 249 -22.14 6.33 -12.92
C ARG A 249 -21.72 5.09 -13.71
N GLU A 250 -21.63 5.25 -15.03
CA GLU A 250 -21.21 4.19 -15.94
C GLU A 250 -19.78 3.72 -15.64
N GLN A 251 -18.85 4.66 -15.48
CA GLN A 251 -17.47 4.35 -15.15
C GLN A 251 -17.39 3.55 -13.83
N ILE A 252 -18.13 3.98 -12.82
CA ILE A 252 -18.20 3.25 -11.54
C ILE A 252 -18.73 1.84 -11.74
N ARG A 253 -19.86 1.71 -12.44
CA ARG A 253 -20.49 0.41 -12.68
C ARG A 253 -19.53 -0.56 -13.36
N GLU A 254 -18.74 -0.04 -14.30
CA GLU A 254 -17.70 -0.82 -14.96
C GLU A 254 -16.60 -1.30 -13.98
N MET A 255 -16.11 -0.40 -13.13
CA MET A 255 -15.11 -0.76 -12.12
C MET A 255 -15.66 -1.87 -11.22
N ASN A 256 -16.79 -1.61 -10.57
CA ASN A 256 -17.46 -2.61 -9.77
C ASN A 256 -18.98 -2.40 -9.69
N PRO A 257 -19.74 -3.31 -10.31
CA PRO A 257 -21.21 -3.20 -10.35
C PRO A 257 -21.85 -2.92 -8.98
N ASN A 258 -21.31 -3.51 -7.92
CA ASN A 258 -21.87 -3.34 -6.58
C ASN A 258 -21.64 -1.95 -5.93
N TYR A 259 -20.91 -1.09 -6.61
CA TYR A 259 -20.47 0.18 -6.00
C TYR A 259 -21.28 1.40 -6.44
N THR A 260 -22.24 1.20 -7.34
CA THR A 260 -23.06 2.28 -7.89
C THR A 260 -23.82 3.09 -6.84
N GLU A 261 -24.20 2.43 -5.75
CA GLU A 261 -25.06 3.06 -4.75
C GLU A 261 -24.28 3.97 -3.79
N PHE A 262 -22.99 3.68 -3.60
CA PHE A 262 -22.12 4.45 -2.71
C PHE A 262 -22.08 5.92 -3.09
N LYS A 263 -21.94 6.77 -2.08
CA LYS A 263 -21.82 8.21 -2.26
C LYS A 263 -20.51 8.53 -2.93
N PHE A 264 -20.53 9.58 -3.75
CA PHE A 264 -19.34 10.05 -4.42
C PHE A 264 -19.43 11.57 -4.60
N PRO A 265 -18.62 12.28 -3.81
CA PRO A 265 -18.57 13.75 -3.88
C PRO A 265 -18.39 14.22 -5.31
N GLN A 266 -19.12 15.25 -5.71
CA GLN A 266 -18.96 15.83 -7.05
C GLN A 266 -17.73 16.72 -7.08
N ILE A 267 -16.66 16.23 -7.70
CA ILE A 267 -15.43 16.99 -7.86
C ILE A 267 -15.13 17.22 -9.34
N LYS A 268 -14.81 18.47 -9.67
CA LYS A 268 -14.47 18.85 -11.04
C LYS A 268 -13.11 18.30 -11.45
N ALA A 269 -12.95 17.98 -12.73
CA ALA A 269 -11.66 17.65 -13.30
C ALA A 269 -10.69 18.81 -13.12
N HIS A 270 -9.49 18.50 -12.64
CA HIS A 270 -8.40 19.48 -12.58
C HIS A 270 -7.67 19.44 -13.91
N PRO A 271 -7.59 20.58 -14.61
CA PRO A 271 -6.94 20.63 -15.91
C PRO A 271 -5.56 19.97 -15.84
N TRP A 272 -5.35 19.00 -16.71
CA TRP A 272 -4.13 18.19 -16.72
C TRP A 272 -2.85 19.03 -16.77
N THR A 273 -2.90 20.17 -17.49
CA THR A 273 -1.76 21.09 -17.58
C THR A 273 -1.31 21.64 -16.23
N LYS A 274 -2.27 21.88 -15.33
CA LYS A 274 -1.95 22.42 -14.01
C LYS A 274 -1.44 21.40 -12.98
N VAL A 275 -1.61 20.11 -13.26
CA VAL A 275 -1.04 19.02 -12.45
C VAL A 275 0.49 19.09 -12.39
N PHE A 276 1.12 19.38 -13.54
CA PHE A 276 2.57 19.33 -13.68
C PHE A 276 3.22 20.72 -13.60
N ARG A 277 4.54 20.75 -13.37
CA ARG A 277 5.30 22.00 -13.36
C ARG A 277 5.23 22.74 -14.70
N PRO A 278 5.50 24.04 -14.72
CA PRO A 278 5.29 24.84 -15.94
C PRO A 278 6.14 24.42 -17.17
N ARG A 279 7.36 23.96 -16.93
CA ARG A 279 8.25 23.60 -18.05
C ARG A 279 7.87 22.26 -18.73
N THR A 280 7.04 21.45 -18.06
CA THR A 280 6.60 20.14 -18.55
C THR A 280 6.10 20.18 -19.99
N PRO A 281 6.73 19.41 -20.88
CA PRO A 281 6.35 19.38 -22.30
C PRO A 281 4.90 18.99 -22.49
N PRO A 282 4.17 19.72 -23.35
CA PRO A 282 2.73 19.50 -23.55
C PRO A 282 2.41 18.07 -24.00
N GLU A 283 3.28 17.46 -24.81
CA GLU A 283 3.08 16.11 -25.31
C GLU A 283 3.16 15.07 -24.18
N ALA A 284 3.95 15.35 -23.16
CA ALA A 284 4.04 14.45 -22.00
C ALA A 284 2.72 14.46 -21.24
N ILE A 285 2.14 15.63 -21.09
CA ILE A 285 0.86 15.78 -20.42
C ILE A 285 -0.24 15.08 -21.22
N ALA A 286 -0.27 15.34 -22.52
CA ALA A 286 -1.21 14.68 -23.42
C ALA A 286 -1.12 13.16 -23.30
N LEU A 287 0.10 12.62 -23.32
CA LEU A 287 0.28 11.18 -23.15
C LEU A 287 -0.30 10.67 -21.82
N CYS A 288 -0.02 11.38 -20.74
CA CYS A 288 -0.54 11.01 -19.41
C CYS A 288 -2.02 10.87 -19.36
N SER A 289 -2.72 11.87 -19.93
CA SER A 289 -4.17 11.93 -19.89
C SER A 289 -4.78 10.81 -20.72
N ARG A 290 -4.04 10.37 -21.72
CA ARG A 290 -4.49 9.21 -22.49
C ARG A 290 -4.13 7.87 -21.85
N LEU A 291 -3.29 7.89 -20.82
CA LEU A 291 -2.96 6.65 -20.10
C LEU A 291 -3.85 6.49 -18.88
N LEU A 292 -4.08 7.61 -18.20
CA LEU A 292 -4.80 7.62 -16.94
C LEU A 292 -6.27 7.99 -17.18
N GLU A 293 -6.99 7.02 -17.71
CA GLU A 293 -8.41 7.12 -17.99
C GLU A 293 -9.13 6.09 -17.15
N TYR A 294 -10.22 6.52 -16.56
CA TYR A 294 -11.13 5.62 -15.84
C TYR A 294 -11.54 4.40 -16.67
N THR A 295 -12.04 4.64 -17.88
CA THR A 295 -12.54 3.59 -18.74
C THR A 295 -11.38 2.85 -19.38
N PRO A 296 -11.18 1.59 -19.00
CA PRO A 296 -10.05 0.78 -19.49
C PRO A 296 -9.84 0.85 -21.02
N THR A 297 -10.88 0.64 -21.83
CA THR A 297 -10.76 0.71 -23.31
C THR A 297 -10.44 2.12 -23.84
N ALA A 298 -10.64 3.13 -23.01
CA ALA A 298 -10.23 4.47 -23.41
C ALA A 298 -8.71 4.68 -23.27
N ARG A 299 -8.04 3.83 -22.51
CA ARG A 299 -6.57 3.91 -22.36
C ARG A 299 -5.87 3.53 -23.67
N LEU A 300 -4.83 4.29 -24.02
CA LEU A 300 -3.98 3.93 -25.15
C LEU A 300 -3.47 2.52 -24.97
N THR A 301 -3.20 1.81 -26.07
CA THR A 301 -2.53 0.51 -25.96
C THR A 301 -1.04 0.81 -25.85
N PRO A 302 -0.25 -0.13 -25.37
CA PRO A 302 1.19 0.13 -25.27
C PRO A 302 1.76 0.48 -26.65
N LEU A 303 1.33 -0.21 -27.70
CA LEU A 303 1.83 0.11 -29.04
C LEU A 303 1.43 1.52 -29.46
N GLU A 304 0.19 1.92 -29.18
CA GLU A 304 -0.19 3.29 -29.48
C GLU A 304 0.59 4.28 -28.63
N ALA A 305 0.91 3.90 -27.39
CA ALA A 305 1.71 4.77 -26.54
C ALA A 305 3.08 4.99 -27.19
N CYS A 306 3.72 3.93 -27.66
CA CYS A 306 5.00 4.08 -28.36
C CYS A 306 4.95 5.04 -29.54
N ALA A 307 3.82 5.07 -30.24
CA ALA A 307 3.69 5.89 -31.44
C ALA A 307 3.25 7.31 -31.12
N HIS A 308 3.07 7.60 -29.84
CA HIS A 308 2.65 8.93 -29.40
C HIS A 308 3.73 9.96 -29.74
N SER A 309 3.30 11.20 -29.95
CA SER A 309 4.20 12.29 -30.33
C SER A 309 5.23 12.66 -29.22
N PHE A 310 4.95 12.30 -27.96
CA PHE A 310 5.93 12.49 -26.87
C PHE A 310 7.27 11.86 -27.22
N PHE A 311 7.21 10.75 -27.93
CA PHE A 311 8.42 10.02 -28.31
C PHE A 311 8.95 10.37 -29.71
N ASP A 312 8.43 11.43 -30.32
CA ASP A 312 8.90 11.86 -31.65
C ASP A 312 10.41 12.06 -31.65
N GLU A 313 10.90 12.76 -30.62
CA GLU A 313 12.34 12.98 -30.43
C GLU A 313 13.15 11.70 -30.56
N LEU A 314 12.61 10.58 -30.10
CA LEU A 314 13.35 9.32 -30.17
C LEU A 314 13.52 8.79 -31.58
N ARG A 315 12.70 9.31 -32.51
CA ARG A 315 12.71 8.85 -33.90
C ARG A 315 13.54 9.78 -34.82
N ASP A 316 13.98 10.89 -34.25
CA ASP A 316 14.88 11.83 -34.91
C ASP A 316 16.22 11.14 -35.14
N PRO A 317 16.71 11.12 -36.39
CA PRO A 317 17.99 10.48 -36.72
C PRO A 317 19.18 11.07 -35.95
N ASN A 318 19.05 12.31 -35.49
CA ASN A 318 20.12 13.02 -34.79
C ASN A 318 20.13 12.93 -33.26
N VAL A 319 19.16 12.24 -32.67
CA VAL A 319 19.11 12.12 -31.22
C VAL A 319 20.29 11.30 -30.69
N LYS A 320 20.87 11.75 -29.58
CA LYS A 320 21.95 11.06 -28.89
C LYS A 320 21.68 11.06 -27.39
N LEU A 321 22.28 10.10 -26.69
CA LEU A 321 22.31 10.10 -25.24
C LEU A 321 23.17 11.24 -24.72
N PRO A 322 22.87 11.77 -23.54
CA PRO A 322 23.69 12.84 -22.94
C PRO A 322 25.18 12.49 -22.86
N ASN A 323 25.53 11.21 -22.79
CA ASN A 323 26.94 10.84 -22.70
C ASN A 323 27.64 10.72 -24.06
N GLY A 324 26.94 11.12 -25.11
CA GLY A 324 27.49 11.07 -26.46
C GLY A 324 27.11 9.85 -27.28
N ARG A 325 26.87 8.71 -26.63
CA ARG A 325 26.52 7.44 -27.30
C ARG A 325 25.27 7.52 -28.17
N ASP A 326 25.11 6.55 -29.06
CA ASP A 326 23.85 6.36 -29.74
C ASP A 326 22.78 5.87 -28.75
N THR A 327 21.52 6.12 -29.06
CA THR A 327 20.45 5.49 -28.32
C THR A 327 20.54 3.98 -28.44
N PRO A 328 19.95 3.26 -27.48
CA PRO A 328 19.88 1.80 -27.55
C PRO A 328 18.88 1.37 -28.64
N ALA A 329 18.78 0.07 -28.90
CA ALA A 329 17.79 -0.46 -29.85
C ALA A 329 16.38 0.01 -29.49
N LEU A 330 15.74 0.70 -30.42
CA LEU A 330 14.40 1.25 -30.23
C LEU A 330 13.40 0.90 -31.32
N PHE A 331 13.89 0.33 -32.43
CA PHE A 331 13.08 0.16 -33.65
C PHE A 331 13.06 -1.26 -34.23
N ASN A 332 13.81 -2.18 -33.62
CA ASN A 332 13.82 -3.57 -34.05
C ASN A 332 12.52 -4.29 -33.65
N PHE A 333 11.39 -3.70 -34.05
CA PHE A 333 10.07 -4.28 -33.85
C PHE A 333 9.91 -5.58 -34.63
N THR A 334 9.38 -6.62 -33.99
CA THR A 334 9.01 -7.85 -34.70
C THR A 334 7.53 -7.82 -35.09
N THR A 335 7.09 -8.82 -35.84
CA THR A 335 5.70 -8.94 -36.26
C THR A 335 4.81 -9.25 -35.05
N GLN A 336 5.28 -10.12 -34.16
CA GLN A 336 4.61 -10.36 -32.88
C GLN A 336 4.35 -9.06 -32.11
N GLU A 337 5.37 -8.21 -32.04
CA GLU A 337 5.29 -6.96 -31.30
C GLU A 337 4.28 -6.01 -31.93
N LEU A 338 4.19 -6.04 -33.25
CA LEU A 338 3.31 -5.12 -33.98
C LEU A 338 1.86 -5.60 -34.16
N SER A 339 1.57 -6.83 -33.72
CA SER A 339 0.32 -7.49 -34.13
C SER A 339 -0.97 -6.75 -33.73
N SER A 340 -0.98 -6.15 -32.54
CA SER A 340 -2.13 -5.37 -32.12
C SER A 340 -2.53 -4.29 -33.13
N ASN A 341 -1.57 -3.78 -33.92
CA ASN A 341 -1.82 -2.69 -34.89
C ASN A 341 -0.70 -2.45 -35.94
N PRO A 342 -0.52 -3.38 -36.90
CA PRO A 342 0.57 -3.28 -37.88
C PRO A 342 0.77 -1.95 -38.64
N PRO A 343 -0.27 -1.22 -39.06
CA PRO A 343 -0.08 0.14 -39.62
C PRO A 343 0.72 1.13 -38.75
N LEU A 344 0.75 0.92 -37.43
CA LEU A 344 1.56 1.76 -36.55
C LEU A 344 3.06 1.70 -36.92
N ALA A 345 3.50 0.59 -37.51
CA ALA A 345 4.89 0.45 -38.00
C ALA A 345 5.37 1.63 -38.83
N THR A 346 4.44 2.34 -39.46
CA THR A 346 4.75 3.51 -40.26
C THR A 346 5.28 4.66 -39.41
N ILE A 347 4.72 4.82 -38.22
CA ILE A 347 5.21 5.84 -37.31
C ILE A 347 6.37 5.26 -36.54
N LEU A 348 6.19 4.02 -36.08
CA LEU A 348 7.13 3.38 -35.16
C LEU A 348 8.54 3.17 -35.70
N ILE A 349 8.65 2.68 -36.94
CA ILE A 349 9.92 2.47 -37.61
C ILE A 349 10.18 3.64 -38.53
N PRO A 350 11.05 4.55 -38.15
CA PRO A 350 11.31 5.75 -38.97
C PRO A 350 12.24 5.47 -40.18
N PRO A 351 12.17 6.31 -41.23
CA PRO A 351 12.96 6.10 -42.46
C PRO A 351 14.40 5.62 -42.26
N HIS A 352 15.19 6.31 -41.45
CA HIS A 352 16.59 5.94 -41.22
C HIS A 352 16.79 4.54 -40.60
N ALA A 353 15.74 4.03 -39.97
CA ALA A 353 15.80 2.74 -39.29
C ALA A 353 15.36 1.54 -40.18
N ARG A 354 14.79 1.83 -41.34
CA ARG A 354 14.33 0.77 -42.25
C ARG A 354 15.46 0.23 -43.11
N SER B 6 2.58 37.23 16.45
CA SER B 6 1.63 36.10 16.23
C SER B 6 0.17 36.56 16.16
N LYS B 7 -0.49 36.25 15.03
CA LYS B 7 -1.92 36.43 14.89
C LYS B 7 -2.70 35.77 16.03
N VAL B 8 -3.73 36.46 16.52
CA VAL B 8 -4.75 35.83 17.35
C VAL B 8 -6.00 35.72 16.49
N THR B 9 -6.46 34.48 16.29
CA THR B 9 -7.66 34.23 15.49
C THR B 9 -8.81 33.95 16.45
N THR B 10 -9.94 34.60 16.18
CA THR B 10 -11.13 34.44 17.01
C THR B 10 -12.25 33.92 16.14
N VAL B 11 -12.85 32.84 16.58
CA VAL B 11 -13.93 32.22 15.84
C VAL B 11 -15.12 32.01 16.75
N VAL B 12 -16.30 31.87 16.18
CA VAL B 12 -17.43 31.39 16.97
C VAL B 12 -17.63 29.92 16.69
N ALA B 13 -17.44 29.10 17.70
CA ALA B 13 -17.32 27.67 17.54
C ALA B 13 -18.25 26.90 18.45
N THR B 14 -18.70 25.75 17.96
CA THR B 14 -19.61 24.89 18.67
C THR B 14 -18.84 23.83 19.45
N PRO B 15 -19.07 23.72 20.76
CA PRO B 15 -18.44 22.66 21.55
C PRO B 15 -18.77 21.33 20.94
N GLY B 16 -17.81 20.40 21.02
CA GLY B 16 -17.92 19.13 20.36
C GLY B 16 -19.11 18.28 20.76
N GLN B 17 -19.30 18.07 22.05
CA GLN B 17 -20.37 17.15 22.43
C GLN B 17 -21.49 17.75 23.30
N GLY B 18 -21.29 18.98 23.77
CA GLY B 18 -22.26 19.61 24.65
C GLY B 18 -23.56 19.96 23.94
N PRO B 19 -24.38 20.81 24.53
CA PRO B 19 -25.51 21.39 23.78
C PRO B 19 -24.96 22.39 22.75
N ASP B 20 -25.67 22.53 21.62
CA ASP B 20 -25.30 23.44 20.54
C ASP B 20 -25.36 24.92 20.98
N ARG B 21 -24.32 25.37 21.69
CA ARG B 21 -24.22 26.76 22.10
C ARG B 21 -22.83 27.30 21.80
N PRO B 22 -22.66 27.96 20.67
CA PRO B 22 -21.35 28.44 20.24
C PRO B 22 -20.70 29.39 21.25
N GLN B 23 -19.37 29.42 21.21
CA GLN B 23 -18.58 30.28 22.09
C GLN B 23 -17.57 30.99 21.23
N GLU B 24 -17.16 32.17 21.65
CA GLU B 24 -16.06 32.85 21.00
C GLU B 24 -14.78 32.14 21.45
N VAL B 25 -14.05 31.57 20.51
CA VAL B 25 -12.81 30.88 20.83
C VAL B 25 -11.65 31.61 20.16
N SER B 26 -10.67 31.96 20.99
CA SER B 26 -9.50 32.67 20.50
C SER B 26 -8.31 31.72 20.57
N TYR B 27 -7.55 31.67 19.49
CA TYR B 27 -6.33 30.85 19.47
C TYR B 27 -5.17 31.55 18.76
N THR B 28 -3.95 31.09 19.05
CA THR B 28 -2.74 31.67 18.47
C THR B 28 -1.62 30.63 18.34
N ASP B 29 -0.45 31.05 17.84
CA ASP B 29 0.69 30.18 17.53
C ASP B 29 0.31 29.15 16.45
N THR B 30 -0.37 29.61 15.41
CA THR B 30 -0.95 28.73 14.40
C THR B 30 0.06 28.33 13.33
N LYS B 31 0.41 27.04 13.33
CA LYS B 31 1.30 26.48 12.31
C LYS B 31 0.76 25.18 11.74
N VAL B 32 1.03 24.96 10.46
CA VAL B 32 0.74 23.70 9.81
C VAL B 32 1.62 22.60 10.41
N ILE B 33 1.01 21.46 10.72
CA ILE B 33 1.77 20.29 11.18
C ILE B 33 1.58 19.10 10.25
N GLY B 34 0.56 19.18 9.40
CA GLY B 34 0.26 18.08 8.52
C GLY B 34 -0.60 18.54 7.36
N ASN B 35 -0.52 17.77 6.28
CA ASN B 35 -1.17 18.09 5.04
C ASN B 35 -1.23 16.81 4.23
N GLY B 36 -2.39 16.15 4.27
CA GLY B 36 -2.60 14.88 3.61
C GLY B 36 -4.04 14.71 3.17
N SER B 37 -4.45 13.46 2.95
CA SER B 37 -5.84 13.16 2.62
C SER B 37 -6.81 13.59 3.76
N PHE B 38 -6.35 13.43 5.01
CA PHE B 38 -7.06 14.00 6.18
C PHE B 38 -7.20 15.54 6.11
N GLY B 39 -6.64 16.15 5.07
CA GLY B 39 -6.71 17.59 4.87
C GLY B 39 -5.55 18.33 5.52
N VAL B 40 -5.71 19.64 5.70
CA VAL B 40 -4.71 20.43 6.42
C VAL B 40 -4.95 20.28 7.92
N VAL B 41 -3.88 20.05 8.66
CA VAL B 41 -3.96 20.02 10.12
C VAL B 41 -3.00 21.05 10.67
N TYR B 42 -3.54 21.89 11.56
CA TYR B 42 -2.78 22.93 12.22
C TYR B 42 -2.61 22.57 13.67
N GLN B 43 -1.53 23.08 14.26
CA GLN B 43 -1.41 23.10 15.72
C GLN B 43 -1.58 24.55 16.12
N ALA B 44 -2.15 24.77 17.30
CA ALA B 44 -2.33 26.13 17.81
C ALA B 44 -2.46 26.08 19.31
N LYS B 45 -2.55 27.25 19.92
CA LYS B 45 -2.65 27.37 21.37
C LYS B 45 -3.91 28.17 21.68
N LEU B 46 -4.64 27.72 22.69
CA LEU B 46 -5.86 28.40 23.09
C LEU B 46 -5.53 29.56 24.03
N CYS B 47 -5.89 30.79 23.63
CA CYS B 47 -5.54 31.99 24.41
C CYS B 47 -6.02 31.95 25.87
N ASP B 48 -7.22 31.42 26.10
CA ASP B 48 -7.79 31.32 27.45
C ASP B 48 -6.98 30.42 28.38
N SER B 49 -6.66 29.21 27.92
CA SER B 49 -6.12 28.16 28.78
C SER B 49 -4.64 27.87 28.54
N GLY B 50 -4.10 28.38 27.43
CA GLY B 50 -2.75 28.00 27.02
C GLY B 50 -2.62 26.59 26.46
N GLU B 51 -3.72 25.81 26.46
CA GLU B 51 -3.71 24.44 25.94
C GLU B 51 -3.47 24.41 24.44
N LEU B 52 -2.60 23.50 24.00
CA LEU B 52 -2.37 23.29 22.60
C LEU B 52 -3.49 22.43 22.03
N VAL B 53 -3.88 22.73 20.79
CA VAL B 53 -4.92 21.98 20.10
C VAL B 53 -4.46 21.69 18.70
N ALA B 54 -5.09 20.71 18.06
CA ALA B 54 -4.93 20.49 16.63
C ALA B 54 -6.18 21.05 15.98
N ILE B 55 -6.04 21.66 14.82
CA ILE B 55 -7.22 22.06 14.05
C ILE B 55 -7.18 21.38 12.69
N LYS B 56 -8.13 20.48 12.44
CA LYS B 56 -8.24 19.84 11.15
C LYS B 56 -9.27 20.56 10.29
N LYS B 57 -8.80 21.04 9.15
CA LYS B 57 -9.61 21.83 8.23
C LYS B 57 -9.84 21.04 6.95
N VAL B 58 -11.10 20.84 6.60
CA VAL B 58 -11.45 20.17 5.34
C VAL B 58 -12.49 21.00 4.60
N LEU B 59 -12.50 20.89 3.27
CA LEU B 59 -13.56 21.48 2.46
C LEU B 59 -14.85 20.73 2.71
N GLN B 60 -15.93 21.45 3.00
CA GLN B 60 -17.20 20.78 3.27
C GLN B 60 -18.07 20.72 2.03
N ASP B 61 -18.33 19.48 1.60
CA ASP B 61 -19.22 19.17 0.49
C ASP B 61 -20.55 19.93 0.62
N LYS B 62 -21.13 20.28 -0.53
CA LYS B 62 -22.40 20.98 -0.57
C LYS B 62 -23.57 20.06 -0.18
N ARG B 63 -23.62 18.89 -0.81
CA ARG B 63 -24.76 17.96 -0.73
C ARG B 63 -24.91 17.22 0.60
N PHE B 64 -23.80 16.73 1.16
CA PHE B 64 -23.87 15.80 2.30
C PHE B 64 -23.63 16.43 3.69
N LYS B 65 -23.85 15.62 4.72
CA LYS B 65 -23.42 15.94 6.08
C LYS B 65 -21.97 15.44 6.20
N ASN B 66 -21.17 16.08 7.05
CA ASN B 66 -19.83 15.56 7.33
C ASN B 66 -19.88 14.34 8.26
N ARG B 67 -19.43 13.20 7.76
CA ARG B 67 -19.50 11.95 8.51
C ARG B 67 -18.57 11.96 9.75
N GLU B 68 -17.35 12.45 9.55
CA GLU B 68 -16.38 12.51 10.65
C GLU B 68 -16.93 13.38 11.80
N LEU B 69 -17.44 14.57 11.47
CA LEU B 69 -18.03 15.44 12.49
C LEU B 69 -19.13 14.71 13.25
N GLN B 70 -20.01 14.07 12.49
CA GLN B 70 -21.15 13.37 13.09
C GLN B 70 -20.65 12.32 14.05
N ILE B 71 -19.61 11.59 13.66
CA ILE B 71 -19.06 10.57 14.56
C ILE B 71 -18.34 11.20 15.76
N MET B 72 -17.54 12.23 15.53
CA MET B 72 -16.78 12.84 16.61
C MET B 72 -17.65 13.52 17.69
N ARG B 73 -18.77 14.10 17.27
CA ARG B 73 -19.71 14.72 18.22
C ARG B 73 -20.25 13.71 19.23
N LYS B 74 -20.23 12.43 18.87
CA LYS B 74 -20.69 11.36 19.76
C LYS B 74 -19.65 10.87 20.78
N LEU B 75 -18.37 11.15 20.54
CA LEU B 75 -17.35 10.44 21.32
C LEU B 75 -16.70 11.28 22.42
N ASP B 76 -16.50 10.67 23.56
CA ASP B 76 -15.80 11.31 24.65
C ASP B 76 -15.18 10.17 25.44
N HIS B 77 -13.87 9.97 25.22
CA HIS B 77 -13.12 8.89 25.85
C HIS B 77 -11.67 9.36 25.96
N CYS B 78 -11.04 8.99 27.07
CA CYS B 78 -9.64 9.34 27.37
C CYS B 78 -8.61 8.81 26.35
N ASN B 79 -8.93 7.77 25.59
CA ASN B 79 -8.00 7.24 24.58
C ASN B 79 -8.36 7.56 23.14
N ILE B 80 -9.16 8.60 22.96
CA ILE B 80 -9.53 9.08 21.65
C ILE B 80 -9.39 10.56 21.70
N VAL B 81 -8.79 11.12 20.66
CA VAL B 81 -8.66 12.56 20.51
C VAL B 81 -10.07 13.19 20.51
N ARG B 82 -10.29 14.11 21.44
CA ARG B 82 -11.62 14.69 21.62
C ARG B 82 -11.84 15.87 20.71
N LEU B 83 -13.01 15.91 20.12
CA LEU B 83 -13.44 17.08 19.41
C LEU B 83 -13.84 18.15 20.45
N ARG B 84 -13.02 19.17 20.59
CA ARG B 84 -13.29 20.24 21.52
C ARG B 84 -14.34 21.20 20.97
N TYR B 85 -14.12 21.67 19.75
CA TYR B 85 -15.04 22.60 19.09
C TYR B 85 -15.01 22.28 17.61
N PHE B 86 -16.00 22.80 16.89
CA PHE B 86 -15.91 22.85 15.45
C PHE B 86 -16.51 24.16 14.99
N PHE B 87 -16.02 24.63 13.86
CA PHE B 87 -16.50 25.86 13.29
C PHE B 87 -16.28 25.85 11.79
N TYR B 88 -16.92 26.80 11.13
CA TYR B 88 -16.82 26.97 9.70
C TYR B 88 -16.04 28.23 9.38
N SER B 89 -15.33 28.21 8.27
CA SER B 89 -14.52 29.34 7.85
C SER B 89 -14.48 29.40 6.32
N SER B 90 -13.97 30.51 5.80
CA SER B 90 -13.73 30.68 4.36
C SER B 90 -12.39 30.06 3.98
N GLU B 96 -16.41 28.97 -1.07
CA GLU B 96 -16.35 27.59 -0.58
C GLU B 96 -16.16 27.51 0.94
N VAL B 97 -16.93 26.64 1.59
CA VAL B 97 -16.96 26.52 3.04
C VAL B 97 -16.00 25.46 3.57
N TYR B 98 -15.30 25.79 4.65
CA TYR B 98 -14.38 24.85 5.31
C TYR B 98 -14.88 24.48 6.70
N LEU B 99 -14.85 23.19 7.00
CA LEU B 99 -15.14 22.70 8.32
C LEU B 99 -13.83 22.56 9.08
N ASN B 100 -13.80 23.11 10.28
CA ASN B 100 -12.60 23.09 11.12
C ASN B 100 -12.92 22.34 12.37
N LEU B 101 -12.10 21.35 12.68
CA LEU B 101 -12.28 20.58 13.91
C LEU B 101 -11.16 20.95 14.85
N VAL B 102 -11.52 21.41 16.04
CA VAL B 102 -10.58 21.71 17.10
C VAL B 102 -10.46 20.53 18.03
N LEU B 103 -9.25 19.97 18.08
CA LEU B 103 -9.06 18.66 18.66
C LEU B 103 -7.97 18.67 19.72
N ASP B 104 -7.98 17.71 20.62
CA ASP B 104 -6.83 17.44 21.48
C ASP B 104 -5.55 17.43 20.64
N TYR B 105 -4.49 18.03 21.18
CA TYR B 105 -3.19 17.90 20.57
C TYR B 105 -2.34 16.95 21.40
N VAL B 106 -1.76 15.95 20.73
CA VAL B 106 -0.89 14.95 21.34
C VAL B 106 0.36 14.90 20.45
N PRO B 107 1.55 15.10 21.04
CA PRO B 107 2.76 15.41 20.26
C PRO B 107 3.43 14.25 19.54
N GLU B 108 3.33 13.04 20.03
CA GLU B 108 4.05 11.93 19.41
C GLU B 108 3.14 10.91 18.75
N THR B 109 3.72 9.95 18.05
CA THR B 109 2.94 8.86 17.47
C THR B 109 3.67 7.56 17.69
N VAL B 110 2.91 6.47 17.79
CA VAL B 110 3.45 5.14 17.83
C VAL B 110 4.33 4.89 16.60
N TYR B 111 3.94 5.43 15.44
CA TYR B 111 4.75 5.30 14.23
C TYR B 111 6.18 5.88 14.43
N ARG B 112 6.27 7.11 14.91
CA ARG B 112 7.57 7.77 15.12
C ARG B 112 8.37 7.10 16.24
N VAL B 113 7.72 6.77 17.34
CA VAL B 113 8.38 6.06 18.42
C VAL B 113 8.92 4.68 18.00
N ALA B 114 8.09 3.86 17.34
CA ALA B 114 8.58 2.56 16.91
C ALA B 114 9.80 2.72 16.00
N ARG B 115 9.79 3.78 15.20
CA ARG B 115 10.89 4.10 14.33
C ARG B 115 12.14 4.57 15.07
N HIS B 116 12.00 5.36 16.14
CA HIS B 116 13.17 5.69 16.95
C HIS B 116 13.83 4.40 17.45
N TYR B 117 13.04 3.52 18.06
CA TYR B 117 13.59 2.28 18.58
C TYR B 117 14.22 1.44 17.48
N SER B 118 13.47 1.24 16.39
CA SER B 118 13.95 0.46 15.25
C SER B 118 15.30 0.91 14.69
N ARG B 119 15.49 2.22 14.50
CA ARG B 119 16.75 2.77 14.01
C ARG B 119 17.86 2.81 15.05
N ALA B 120 17.52 2.54 16.30
CA ALA B 120 18.53 2.46 17.35
C ALA B 120 18.80 0.98 17.59
N LYS B 121 18.20 0.13 16.78
CA LYS B 121 18.31 -1.32 16.92
C LYS B 121 17.93 -1.80 18.34
N GLN B 122 16.94 -1.15 18.93
CA GLN B 122 16.30 -1.65 20.15
C GLN B 122 14.84 -1.86 19.91
N THR B 123 14.19 -2.55 20.83
CA THR B 123 12.75 -2.69 20.77
C THR B 123 12.11 -1.97 21.92
N LEU B 124 10.90 -1.50 21.67
CA LEU B 124 10.10 -0.81 22.64
C LEU B 124 9.91 -1.72 23.82
N PRO B 125 10.27 -1.23 25.00
CA PRO B 125 10.06 -1.99 26.24
C PRO B 125 8.63 -2.50 26.29
N VAL B 126 8.48 -3.73 26.75
CA VAL B 126 7.20 -4.39 26.81
C VAL B 126 6.14 -3.64 27.63
N ILE B 127 6.55 -2.95 28.69
CA ILE B 127 5.60 -2.16 29.47
C ILE B 127 4.87 -1.11 28.58
N TYR B 128 5.59 -0.50 27.63
CA TYR B 128 4.96 0.42 26.68
C TYR B 128 4.04 -0.31 25.71
N VAL B 129 4.45 -1.51 25.30
CA VAL B 129 3.62 -2.33 24.42
C VAL B 129 2.31 -2.64 25.13
N LYS B 130 2.41 -3.06 26.38
CA LYS B 130 1.22 -3.29 27.20
C LYS B 130 0.35 -2.05 27.29
N LEU B 131 0.94 -0.94 27.72
CA LEU B 131 0.21 0.29 27.95
C LEU B 131 -0.47 0.77 26.71
N TYR B 132 0.25 0.79 25.59
CA TYR B 132 -0.24 1.42 24.36
C TYR B 132 -1.33 0.56 23.72
N MET B 133 -1.08 -0.74 23.67
CA MET B 133 -1.99 -1.69 23.07
C MET B 133 -3.28 -1.76 23.90
N TYR B 134 -3.13 -1.75 25.22
CA TYR B 134 -4.27 -1.81 26.12
C TYR B 134 -5.13 -0.61 25.84
N GLN B 135 -4.50 0.54 25.74
CA GLN B 135 -5.27 1.75 25.57
C GLN B 135 -5.89 1.85 24.17
N LEU B 136 -5.24 1.23 23.18
CA LEU B 136 -5.81 1.11 21.83
C LEU B 136 -7.09 0.27 21.92
N PHE B 137 -6.99 -0.87 22.57
CA PHE B 137 -8.15 -1.76 22.70
C PHE B 137 -9.32 -1.12 23.44
N ARG B 138 -9.03 -0.33 24.48
CA ARG B 138 -10.07 0.48 25.12
C ARG B 138 -10.74 1.38 24.11
N SER B 139 -9.95 2.15 23.34
CA SER B 139 -10.59 3.06 22.41
C SER B 139 -11.43 2.27 21.40
N LEU B 140 -11.01 1.05 21.07
CA LEU B 140 -11.77 0.23 20.13
C LEU B 140 -13.05 -0.33 20.77
N ALA B 141 -12.95 -0.82 22.01
CA ALA B 141 -14.16 -1.29 22.70
C ALA B 141 -15.18 -0.16 22.72
N TYR B 142 -14.69 1.04 23.00
CA TYR B 142 -15.56 2.19 23.05
C TYR B 142 -16.19 2.51 21.71
N ILE B 143 -15.41 2.69 20.65
CA ILE B 143 -16.07 3.01 19.39
C ILE B 143 -16.92 1.86 18.85
N HIS B 144 -16.49 0.62 19.04
CA HIS B 144 -17.26 -0.50 18.53
C HIS B 144 -18.62 -0.64 19.24
N SER B 145 -18.73 -0.12 20.46
CA SER B 145 -19.96 -0.20 21.25
C SER B 145 -21.05 0.72 20.69
N PHE B 146 -20.63 1.75 19.93
CA PHE B 146 -21.54 2.55 19.14
C PHE B 146 -21.75 1.94 17.74
N GLY B 147 -21.14 0.78 17.50
CA GLY B 147 -21.06 0.26 16.13
C GLY B 147 -20.18 1.05 15.17
N ILE B 148 -19.28 1.87 15.69
CA ILE B 148 -18.34 2.60 14.83
C ILE B 148 -17.04 1.83 14.64
N CYS B 149 -16.70 1.61 13.37
CA CYS B 149 -15.42 0.98 12.98
C CYS B 149 -14.52 2.10 12.47
N HIS B 150 -13.29 2.16 12.97
CA HIS B 150 -12.34 3.20 12.60
C HIS B 150 -11.90 3.04 11.11
N ARG B 151 -11.62 1.82 10.69
CA ARG B 151 -11.24 1.44 9.31
C ARG B 151 -9.85 1.94 8.83
N ASP B 152 -9.04 2.44 9.74
CA ASP B 152 -7.66 2.77 9.39
C ASP B 152 -6.77 2.76 10.62
N ILE B 153 -6.83 1.67 11.39
CA ILE B 153 -5.97 1.50 12.54
C ILE B 153 -4.56 1.23 12.04
N LYS B 154 -3.63 2.10 12.44
CA LYS B 154 -2.23 1.97 12.06
C LYS B 154 -1.42 2.86 13.00
N PRO B 155 -0.11 2.57 13.14
CA PRO B 155 0.75 3.29 14.08
C PRO B 155 0.70 4.80 13.96
N GLN B 156 0.62 5.32 12.74
CA GLN B 156 0.48 6.75 12.53
C GLN B 156 -0.77 7.36 13.15
N ASN B 157 -1.80 6.53 13.41
CA ASN B 157 -3.05 7.06 13.96
C ASN B 157 -3.14 6.83 15.45
N LEU B 158 -2.00 6.48 16.04
CA LEU B 158 -1.91 6.27 17.47
C LEU B 158 -1.00 7.36 18.07
N LEU B 159 -1.63 8.37 18.66
CA LEU B 159 -0.90 9.47 19.23
C LEU B 159 -0.51 9.17 20.67
N LEU B 160 0.65 9.67 21.07
CA LEU B 160 1.16 9.34 22.39
C LEU B 160 1.66 10.58 23.07
N ASP B 161 1.48 10.62 24.38
CA ASP B 161 2.18 11.56 25.22
C ASP B 161 3.35 10.82 25.88
N PRO B 162 4.60 11.20 25.58
CA PRO B 162 5.78 10.48 26.12
C PRO B 162 5.92 10.59 27.65
N ASP B 163 5.41 11.65 28.26
CA ASP B 163 5.52 11.80 29.72
C ASP B 163 4.49 11.00 30.51
N THR B 164 3.25 10.94 30.02
CA THR B 164 2.19 10.25 30.75
C THR B 164 1.92 8.87 30.22
N ALA B 165 2.47 8.57 29.04
CA ALA B 165 2.21 7.29 28.37
C ALA B 165 0.72 7.11 28.01
N VAL B 166 -0.02 8.21 27.91
CA VAL B 166 -1.38 8.20 27.40
C VAL B 166 -1.34 7.99 25.88
N LEU B 167 -2.22 7.13 25.39
CA LEU B 167 -2.37 6.92 23.95
C LEU B 167 -3.75 7.41 23.53
N LYS B 168 -3.81 8.17 22.44
CA LYS B 168 -5.08 8.50 21.83
C LYS B 168 -5.12 8.16 20.35
N LEU B 169 -6.20 7.47 19.97
CA LEU B 169 -6.55 7.19 18.59
C LEU B 169 -7.03 8.48 17.92
N CYS B 170 -6.56 8.73 16.69
CA CYS B 170 -6.95 9.91 15.97
C CYS B 170 -7.33 9.53 14.55
N ASP B 171 -7.65 10.55 13.75
CA ASP B 171 -8.12 10.44 12.36
C ASP B 171 -9.34 9.54 12.14
N PHE B 172 -10.52 10.14 12.31
CA PHE B 172 -11.76 9.41 12.16
C PHE B 172 -12.34 9.64 10.75
N GLY B 173 -11.47 10.06 9.82
CA GLY B 173 -11.83 10.36 8.45
C GLY B 173 -12.30 9.15 7.63
N SER B 174 -12.02 7.92 8.10
CA SER B 174 -12.44 6.68 7.45
C SER B 174 -13.55 6.02 8.24
N ALA B 175 -13.70 6.44 9.49
CA ALA B 175 -14.56 5.76 10.44
C ALA B 175 -16.01 5.75 9.91
N LYS B 176 -16.74 4.71 10.29
CA LYS B 176 -18.10 4.56 9.80
C LYS B 176 -18.89 3.62 10.70
N GLN B 177 -20.13 4.01 11.00
CA GLN B 177 -21.03 3.10 11.69
C GLN B 177 -21.37 1.94 10.76
N LEU B 178 -21.00 0.73 11.18
CA LEU B 178 -21.24 -0.46 10.38
C LEU B 178 -22.59 -1.10 10.72
N VAL B 179 -23.46 -1.13 9.71
CA VAL B 179 -24.78 -1.75 9.83
C VAL B 179 -24.82 -3.05 9.06
N ARG B 180 -25.13 -4.13 9.79
CA ARG B 180 -25.30 -5.47 9.23
C ARG B 180 -26.19 -5.43 7.99
N GLY B 181 -25.71 -6.09 6.93
CA GLY B 181 -26.42 -6.16 5.67
C GLY B 181 -26.26 -4.94 4.77
N GLU B 182 -25.74 -3.83 5.31
CA GLU B 182 -25.49 -2.66 4.46
C GLU B 182 -24.02 -2.69 3.99
N PRO B 183 -23.80 -2.63 2.67
CA PRO B 183 -22.45 -2.85 2.11
C PRO B 183 -21.46 -1.74 2.44
N ASN B 184 -20.20 -2.11 2.61
CA ASN B 184 -19.15 -1.12 2.86
C ASN B 184 -18.02 -1.23 1.87
N VAL B 185 -17.46 -0.11 1.42
CA VAL B 185 -16.29 -0.16 0.53
C VAL B 185 -15.17 -1.02 1.12
N SER B 186 -14.57 -1.87 0.30
CA SER B 186 -13.47 -2.70 0.75
C SER B 186 -12.15 -1.94 0.82
N TYR B 187 -12.07 -0.78 0.15
CA TYR B 187 -10.78 -0.19 -0.13
C TYR B 187 -10.23 0.73 0.99
N ILE B 188 -10.64 0.41 2.21
CA ILE B 188 -10.17 1.12 3.39
C ILE B 188 -9.06 0.32 4.03
N CYS B 189 -8.37 0.97 4.96
CA CYS B 189 -7.27 0.37 5.68
C CYS B 189 -5.97 0.51 4.90
N SER B 190 -4.88 0.62 5.62
CA SER B 190 -3.61 0.98 5.03
C SER B 190 -2.74 -0.23 4.92
N ARG B 191 -1.91 -0.22 3.89
CA ARG B 191 -0.83 -1.21 3.68
C ARG B 191 -0.17 -1.67 4.95
N TYR B 192 -0.06 -2.99 5.09
CA TYR B 192 0.42 -3.69 6.29
C TYR B 192 -0.68 -4.05 7.27
N TYR B 193 -1.70 -3.20 7.41
CA TYR B 193 -2.68 -3.34 8.51
C TYR B 193 -4.05 -3.92 8.11
N ARG B 194 -4.22 -4.28 6.83
CA ARG B 194 -5.54 -4.70 6.30
C ARG B 194 -5.82 -6.15 6.60
N ALA B 195 -7.00 -6.40 7.15
CA ALA B 195 -7.47 -7.76 7.38
C ALA B 195 -7.59 -8.46 6.04
N PRO B 196 -7.33 -9.76 6.02
CA PRO B 196 -7.34 -10.53 4.76
C PRO B 196 -8.69 -10.39 4.03
N GLU B 197 -9.79 -10.35 4.77
CA GLU B 197 -11.10 -10.17 4.11
C GLU B 197 -11.16 -8.87 3.30
N LEU B 198 -10.43 -7.84 3.72
CA LEU B 198 -10.35 -6.59 2.92
C LEU B 198 -9.48 -6.76 1.69
N ILE B 199 -8.42 -7.51 1.87
CA ILE B 199 -7.53 -7.78 0.76
C ILE B 199 -8.33 -8.52 -0.31
N PHE B 200 -9.17 -9.47 0.11
CA PHE B 200 -10.05 -10.21 -0.80
C PHE B 200 -11.18 -9.39 -1.41
N GLY B 201 -11.37 -8.16 -0.92
CA GLY B 201 -12.42 -7.34 -1.43
C GLY B 201 -13.75 -7.45 -0.69
N ALA B 202 -13.75 -7.96 0.53
CA ALA B 202 -15.01 -8.06 1.30
C ALA B 202 -15.67 -6.71 1.44
N THR B 203 -16.98 -6.75 1.34
CA THR B 203 -17.81 -5.57 1.36
C THR B 203 -18.75 -5.68 2.59
N ASP B 204 -18.68 -6.83 3.26
CA ASP B 204 -19.60 -7.17 4.37
C ASP B 204 -18.80 -7.48 5.63
N TYR B 205 -17.66 -6.83 5.75
CA TYR B 205 -16.80 -7.02 6.91
C TYR B 205 -17.42 -6.35 8.13
N THR B 206 -16.95 -6.73 9.32
CA THR B 206 -17.38 -6.12 10.55
C THR B 206 -16.26 -5.29 11.20
N SER B 207 -16.53 -4.78 12.38
CA SER B 207 -15.59 -4.01 13.18
C SER B 207 -14.36 -4.78 13.58
N SER B 208 -14.40 -6.09 13.42
CA SER B 208 -13.26 -6.94 13.71
C SER B 208 -12.04 -6.71 12.77
N ILE B 209 -12.21 -5.96 11.68
CA ILE B 209 -11.06 -5.53 10.87
C ILE B 209 -10.17 -4.59 11.69
N ASP B 210 -10.76 -3.81 12.61
CA ASP B 210 -9.98 -2.90 13.45
C ASP B 210 -9.13 -3.73 14.37
N VAL B 211 -9.64 -4.91 14.76
CA VAL B 211 -8.94 -5.79 15.69
C VAL B 211 -7.76 -6.47 15.01
N TRP B 212 -7.94 -6.82 13.75
CA TRP B 212 -6.86 -7.38 12.95
C TRP B 212 -5.77 -6.34 12.87
N SER B 213 -6.17 -5.13 12.49
CA SER B 213 -5.23 -4.04 12.38
C SER B 213 -4.42 -3.83 13.71
N ALA B 214 -5.10 -3.93 14.84
CA ALA B 214 -4.45 -3.79 16.14
C ALA B 214 -3.50 -4.92 16.43
N GLY B 215 -3.87 -6.13 16.04
CA GLY B 215 -2.98 -7.27 16.14
C GLY B 215 -1.70 -7.03 15.33
N CYS B 216 -1.83 -6.43 14.13
CA CYS B 216 -0.64 -6.08 13.33
C CYS B 216 0.25 -5.05 13.99
N VAL B 217 -0.37 -4.06 14.65
CA VAL B 217 0.38 -3.07 15.39
C VAL B 217 1.14 -3.73 16.56
N LEU B 218 0.46 -4.58 17.30
CA LEU B 218 1.09 -5.29 18.41
C LEU B 218 2.26 -6.14 17.91
N ALA B 219 2.01 -6.97 16.90
CA ALA B 219 3.08 -7.76 16.29
C ALA B 219 4.27 -6.86 15.87
N GLU B 220 3.98 -5.70 15.26
CA GLU B 220 5.00 -4.79 14.80
C GLU B 220 5.85 -4.22 15.95
N LEU B 221 5.20 -3.89 17.06
CA LEU B 221 5.91 -3.39 18.24
C LEU B 221 6.79 -4.46 18.86
N LEU B 222 6.38 -5.72 18.79
CA LEU B 222 7.16 -6.84 19.32
C LEU B 222 8.31 -7.23 18.41
N LEU B 223 8.08 -7.14 17.09
CA LEU B 223 9.08 -7.54 16.08
C LEU B 223 10.08 -6.47 15.73
N GLY B 224 9.69 -5.20 15.82
CA GLY B 224 10.56 -4.11 15.39
C GLY B 224 10.38 -3.82 13.92
N GLN B 225 9.39 -4.45 13.29
CA GLN B 225 9.05 -4.22 11.89
C GLN B 225 7.68 -4.85 11.62
N PRO B 226 7.00 -4.47 10.54
CA PRO B 226 5.66 -4.99 10.24
C PRO B 226 5.67 -6.51 10.09
N ILE B 227 4.63 -7.18 10.58
CA ILE B 227 4.56 -8.63 10.51
C ILE B 227 4.12 -9.09 9.14
N PHE B 228 3.29 -8.29 8.47
CA PHE B 228 2.84 -8.68 7.15
C PHE B 228 3.16 -7.67 6.08
N PRO B 229 4.45 -7.47 5.78
CA PRO B 229 4.84 -6.42 4.83
C PRO B 229 4.41 -6.78 3.42
N GLY B 230 4.39 -5.80 2.51
CA GLY B 230 4.07 -6.05 1.11
C GLY B 230 3.43 -4.81 0.54
N ASP B 231 3.80 -4.42 -0.69
CA ASP B 231 3.23 -3.22 -1.27
C ASP B 231 1.97 -3.55 -2.07
N SER B 232 1.74 -4.84 -2.30
CA SER B 232 0.58 -5.34 -3.02
C SER B 232 -0.18 -6.35 -2.13
N GLY B 233 -1.47 -6.51 -2.34
CA GLY B 233 -2.23 -7.46 -1.54
C GLY B 233 -1.66 -8.87 -1.68
N VAL B 234 -1.24 -9.22 -2.89
CA VAL B 234 -0.62 -10.53 -3.12
C VAL B 234 0.59 -10.76 -2.23
N ASP B 235 1.51 -9.79 -2.17
CA ASP B 235 2.64 -9.93 -1.26
C ASP B 235 2.20 -10.00 0.21
N GLN B 236 1.24 -9.16 0.58
CA GLN B 236 0.71 -9.19 1.95
C GLN B 236 0.13 -10.55 2.30
N LEU B 237 -0.70 -11.08 1.41
CA LEU B 237 -1.24 -12.44 1.64
C LEU B 237 -0.19 -13.53 1.80
N VAL B 238 0.86 -13.47 0.97
CA VAL B 238 1.96 -14.41 1.09
C VAL B 238 2.53 -14.38 2.51
N GLU B 239 2.72 -13.18 3.05
CA GLU B 239 3.26 -13.08 4.42
C GLU B 239 2.31 -13.61 5.47
N ILE B 240 1.02 -13.35 5.29
CA ILE B 240 -0.02 -13.78 6.23
C ILE B 240 -0.09 -15.31 6.22
N ILE B 241 -0.17 -15.87 5.01
CA ILE B 241 -0.14 -17.33 4.87
C ILE B 241 1.15 -17.95 5.44
N LYS B 242 2.31 -17.33 5.26
CA LYS B 242 3.54 -17.89 5.87
C LYS B 242 3.40 -18.09 7.39
N VAL B 243 2.54 -17.30 8.03
CA VAL B 243 2.39 -17.33 9.48
C VAL B 243 1.18 -18.15 9.91
N LEU B 244 0.03 -17.89 9.28
CA LEU B 244 -1.23 -18.49 9.67
C LEU B 244 -1.51 -19.82 8.96
N GLY B 245 -0.69 -20.16 7.98
CA GLY B 245 -0.98 -21.30 7.13
C GLY B 245 -2.06 -20.91 6.14
N THR B 246 -2.28 -21.79 5.17
CA THR B 246 -3.27 -21.54 4.13
C THR B 246 -4.65 -21.52 4.76
N PRO B 247 -5.49 -20.56 4.37
CA PRO B 247 -6.89 -20.55 4.80
C PRO B 247 -7.64 -21.77 4.25
N THR B 248 -8.57 -22.27 5.05
CA THR B 248 -9.41 -23.39 4.62
C THR B 248 -10.41 -22.91 3.58
N ARG B 249 -11.06 -23.86 2.90
CA ARG B 249 -12.10 -23.58 1.90
C ARG B 249 -13.16 -22.66 2.51
N GLU B 250 -13.59 -22.99 3.72
CA GLU B 250 -14.55 -22.20 4.48
C GLU B 250 -14.09 -20.74 4.69
N GLN B 251 -12.89 -20.59 5.26
CA GLN B 251 -12.31 -19.28 5.52
C GLN B 251 -12.24 -18.42 4.24
N ILE B 252 -11.80 -19.03 3.13
CA ILE B 252 -11.74 -18.31 1.85
C ILE B 252 -13.12 -17.80 1.41
N ARG B 253 -14.12 -18.70 1.42
CA ARG B 253 -15.49 -18.36 1.02
C ARG B 253 -16.07 -17.24 1.88
N GLU B 254 -15.74 -17.26 3.17
CA GLU B 254 -16.13 -16.17 4.06
C GLU B 254 -15.53 -14.84 3.58
N MET B 255 -14.22 -14.82 3.33
CA MET B 255 -13.54 -13.61 2.85
C MET B 255 -14.18 -13.10 1.56
N ASN B 256 -14.21 -13.95 0.54
CA ASN B 256 -14.88 -13.60 -0.71
C ASN B 256 -15.41 -14.83 -1.46
N PRO B 257 -16.74 -14.97 -1.50
CA PRO B 257 -17.38 -16.13 -2.14
C PRO B 257 -16.85 -16.44 -3.55
N ASN B 258 -16.46 -15.42 -4.30
CA ASN B 258 -15.97 -15.61 -5.67
C ASN B 258 -14.53 -16.15 -5.77
N TYR B 259 -13.88 -16.44 -4.64
CA TYR B 259 -12.45 -16.76 -4.64
C TYR B 259 -12.12 -18.23 -4.36
N THR B 260 -13.15 -19.04 -4.09
CA THR B 260 -12.96 -20.46 -3.74
C THR B 260 -12.30 -21.26 -4.85
N GLU B 261 -12.46 -20.77 -6.08
CA GLU B 261 -11.97 -21.47 -7.25
C GLU B 261 -10.46 -21.30 -7.45
N PHE B 262 -9.92 -20.18 -6.98
CA PHE B 262 -8.49 -19.87 -7.14
C PHE B 262 -7.58 -20.86 -6.43
N LYS B 263 -6.40 -21.05 -7.02
CA LYS B 263 -5.37 -21.89 -6.45
C LYS B 263 -4.77 -21.22 -5.22
N PHE B 264 -4.42 -22.06 -4.25
CA PHE B 264 -3.76 -21.59 -3.05
C PHE B 264 -2.76 -22.64 -2.60
N PRO B 265 -1.48 -22.30 -2.63
CA PRO B 265 -0.41 -23.18 -2.15
C PRO B 265 -0.77 -23.75 -0.78
N GLN B 266 -0.63 -25.06 -0.61
CA GLN B 266 -0.82 -25.69 0.70
C GLN B 266 0.42 -25.41 1.57
N ILE B 267 0.30 -24.39 2.41
CA ILE B 267 1.40 -23.98 3.29
C ILE B 267 1.06 -24.31 4.74
N LYS B 268 2.02 -24.89 5.45
CA LYS B 268 1.85 -25.22 6.86
C LYS B 268 1.98 -23.98 7.72
N ALA B 269 1.18 -23.93 8.79
CA ALA B 269 1.24 -22.86 9.78
C ALA B 269 2.63 -22.80 10.42
N HIS B 270 3.15 -21.59 10.56
CA HIS B 270 4.38 -21.36 11.30
C HIS B 270 4.01 -21.25 12.79
N PRO B 271 4.70 -22.02 13.63
CA PRO B 271 4.47 -21.94 15.08
C PRO B 271 4.66 -20.50 15.54
N TRP B 272 3.61 -19.96 16.13
CA TRP B 272 3.56 -18.56 16.52
C TRP B 272 4.78 -18.12 17.36
N THR B 273 5.26 -18.99 18.24
CA THR B 273 6.45 -18.71 19.06
C THR B 273 7.71 -18.41 18.23
N LYS B 274 7.86 -19.08 17.08
CA LYS B 274 9.02 -18.88 16.22
C LYS B 274 9.00 -17.58 15.39
N VAL B 275 7.81 -16.98 15.25
CA VAL B 275 7.64 -15.70 14.55
C VAL B 275 8.43 -14.59 15.24
N PHE B 276 8.36 -14.56 16.56
CA PHE B 276 8.93 -13.49 17.37
C PHE B 276 10.29 -13.85 17.98
N ARG B 277 11.00 -12.84 18.46
CA ARG B 277 12.28 -13.04 19.15
C ARG B 277 12.14 -13.93 20.41
N PRO B 278 13.23 -14.56 20.86
CA PRO B 278 13.15 -15.52 21.96
C PRO B 278 12.67 -14.93 23.29
N ARG B 279 13.04 -13.68 23.56
CA ARG B 279 12.65 -13.01 24.81
C ARG B 279 11.14 -12.71 24.93
N THR B 280 10.50 -12.45 23.78
CA THR B 280 9.06 -12.16 23.68
C THR B 280 8.20 -12.91 24.69
N PRO B 281 7.53 -12.16 25.59
CA PRO B 281 6.59 -12.79 26.54
C PRO B 281 5.57 -13.68 25.84
N PRO B 282 5.37 -14.91 26.34
CA PRO B 282 4.47 -15.88 25.71
C PRO B 282 3.02 -15.40 25.68
N GLU B 283 2.66 -14.54 26.65
CA GLU B 283 1.34 -13.94 26.72
C GLU B 283 1.13 -12.95 25.57
N ALA B 284 2.20 -12.27 25.15
CA ALA B 284 2.13 -11.36 24.01
C ALA B 284 1.87 -12.15 22.73
N ILE B 285 2.54 -13.29 22.61
CA ILE B 285 2.37 -14.15 21.45
C ILE B 285 0.97 -14.75 21.41
N ALA B 286 0.50 -15.26 22.55
CA ALA B 286 -0.85 -15.76 22.68
C ALA B 286 -1.89 -14.71 22.26
N LEU B 287 -1.73 -13.48 22.74
CA LEU B 287 -2.63 -12.40 22.36
C LEU B 287 -2.65 -12.18 20.84
N CYS B 288 -1.47 -12.15 20.20
CA CYS B 288 -1.39 -11.95 18.74
C CYS B 288 -2.19 -12.97 17.99
N SER B 289 -2.07 -14.23 18.42
CA SER B 289 -2.66 -15.36 17.71
C SER B 289 -4.18 -15.30 17.79
N ARG B 290 -4.68 -14.69 18.85
CA ARG B 290 -6.12 -14.53 18.99
C ARG B 290 -6.65 -13.25 18.36
N LEU B 291 -5.74 -12.38 17.92
CA LEU B 291 -6.13 -11.18 17.16
C LEU B 291 -6.05 -11.45 15.65
N LEU B 292 -4.98 -12.11 15.25
CA LEU B 292 -4.74 -12.37 13.85
C LEU B 292 -5.24 -13.77 13.47
N GLU B 293 -6.57 -13.85 13.34
CA GLU B 293 -7.29 -15.04 12.93
C GLU B 293 -7.98 -14.73 11.62
N TYR B 294 -7.89 -15.66 10.68
CA TYR B 294 -8.67 -15.60 9.43
C TYR B 294 -10.16 -15.35 9.64
N THR B 295 -10.78 -16.13 10.51
CA THR B 295 -12.22 -16.03 10.74
C THR B 295 -12.53 -14.86 11.64
N PRO B 296 -13.22 -13.85 11.11
CA PRO B 296 -13.50 -12.60 11.85
C PRO B 296 -14.11 -12.83 13.25
N THR B 297 -15.12 -13.70 13.37
CA THR B 297 -15.75 -13.99 14.68
C THR B 297 -14.83 -14.71 15.67
N ALA B 298 -13.76 -15.34 15.16
CA ALA B 298 -12.78 -15.97 16.05
C ALA B 298 -11.79 -14.96 16.67
N ARG B 299 -11.73 -13.75 16.14
CA ARG B 299 -10.87 -12.70 16.72
C ARG B 299 -11.46 -12.26 18.06
N LEU B 300 -10.61 -12.05 19.07
CA LEU B 300 -11.04 -11.44 20.33
C LEU B 300 -11.73 -10.13 20.06
N THR B 301 -12.63 -9.71 20.95
CA THR B 301 -13.21 -8.38 20.88
C THR B 301 -12.23 -7.43 21.57
N PRO B 302 -12.33 -6.15 21.30
CA PRO B 302 -11.42 -5.20 21.96
C PRO B 302 -11.53 -5.32 23.48
N LEU B 303 -12.74 -5.44 24.01
CA LEU B 303 -12.91 -5.61 25.46
C LEU B 303 -12.27 -6.90 25.96
N GLU B 304 -12.44 -8.00 25.24
CA GLU B 304 -11.73 -9.23 25.63
C GLU B 304 -10.22 -9.09 25.48
N ALA B 305 -9.76 -8.28 24.53
CA ALA B 305 -8.32 -8.10 24.38
C ALA B 305 -7.83 -7.40 25.64
N CYS B 306 -8.51 -6.35 26.08
CA CYS B 306 -8.15 -5.67 27.34
C CYS B 306 -8.06 -6.59 28.55
N ALA B 307 -8.89 -7.63 28.58
CA ALA B 307 -8.94 -8.52 29.74
C ALA B 307 -7.92 -9.64 29.62
N HIS B 308 -7.17 -9.63 28.52
CA HIS B 308 -6.19 -10.68 28.26
C HIS B 308 -5.05 -10.64 29.29
N SER B 309 -4.49 -11.81 29.58
CA SER B 309 -3.44 -11.93 30.57
C SER B 309 -2.14 -11.14 30.23
N PHE B 310 -1.91 -10.84 28.94
CA PHE B 310 -0.80 -9.95 28.54
C PHE B 310 -0.84 -8.62 29.31
N PHE B 311 -2.03 -8.14 29.62
CA PHE B 311 -2.16 -6.88 30.33
C PHE B 311 -2.26 -6.98 31.85
N ASP B 312 -2.10 -8.18 32.39
CA ASP B 312 -2.15 -8.42 33.85
C ASP B 312 -1.29 -7.44 34.62
N GLU B 313 -0.07 -7.21 34.13
CA GLU B 313 0.88 -6.29 34.76
C GLU B 313 0.29 -4.89 34.96
N LEU B 314 -0.55 -4.45 34.03
CA LEU B 314 -1.15 -3.12 34.15
C LEU B 314 -2.13 -3.03 35.31
N ARG B 315 -2.62 -4.18 35.77
CA ARG B 315 -3.62 -4.26 36.84
C ARG B 315 -2.99 -4.48 38.23
N ASP B 316 -1.67 -4.65 38.23
CA ASP B 316 -0.88 -4.76 39.45
C ASP B 316 -0.86 -3.38 40.13
N PRO B 317 -1.17 -3.33 41.42
CA PRO B 317 -1.19 -2.05 42.16
C PRO B 317 0.19 -1.37 42.22
N ASN B 318 1.25 -2.16 42.08
CA ASN B 318 2.62 -1.64 42.14
C ASN B 318 3.28 -1.26 40.81
N VAL B 319 2.53 -1.31 39.70
CA VAL B 319 3.11 -0.93 38.41
C VAL B 319 3.33 0.58 38.34
N LYS B 320 4.47 0.97 37.77
CA LYS B 320 4.80 2.38 37.55
C LYS B 320 5.39 2.54 36.16
N LEU B 321 5.29 3.76 35.61
CA LEU B 321 6.00 4.13 34.39
C LEU B 321 7.49 4.18 34.65
N PRO B 322 8.31 3.96 33.62
CA PRO B 322 9.77 4.03 33.77
C PRO B 322 10.27 5.36 34.32
N ASN B 323 9.54 6.46 34.11
CA ASN B 323 9.97 7.74 34.64
C ASN B 323 9.56 7.95 36.11
N GLY B 324 9.06 6.90 36.75
CA GLY B 324 8.63 6.97 38.13
C GLY B 324 7.15 7.27 38.36
N ARG B 325 6.52 8.01 37.43
CA ARG B 325 5.10 8.40 37.54
C ARG B 325 4.15 7.21 37.65
N ASP B 326 2.94 7.49 38.10
CA ASP B 326 1.88 6.50 38.06
C ASP B 326 1.45 6.29 36.60
N THR B 327 0.90 5.12 36.31
CA THR B 327 0.25 4.90 35.03
C THR B 327 -0.85 5.92 34.80
N PRO B 328 -1.23 6.09 33.54
CA PRO B 328 -2.40 6.92 33.19
C PRO B 328 -3.70 6.18 33.56
N ALA B 329 -4.85 6.82 33.39
CA ALA B 329 -6.16 6.20 33.64
C ALA B 329 -6.33 4.93 32.80
N LEU B 330 -6.50 3.78 33.46
CA LEU B 330 -6.66 2.51 32.75
C LEU B 330 -7.94 1.76 33.10
N PHE B 331 -8.65 2.21 34.14
CA PHE B 331 -9.74 1.43 34.75
C PHE B 331 -11.05 2.16 34.89
N ASN B 332 -11.10 3.42 34.49
CA ASN B 332 -12.31 4.22 34.55
C ASN B 332 -13.30 3.83 33.44
N PHE B 333 -13.61 2.54 33.38
CA PHE B 333 -14.55 1.97 32.43
C PHE B 333 -15.97 2.45 32.67
N THR B 334 -16.68 2.85 31.63
CA THR B 334 -18.11 3.16 31.74
C THR B 334 -18.98 1.95 31.38
N THR B 335 -20.28 2.09 31.58
CA THR B 335 -21.22 1.04 31.24
C THR B 335 -21.28 0.87 29.71
N GLN B 336 -21.33 1.98 28.99
CA GLN B 336 -21.21 1.94 27.54
C GLN B 336 -19.96 1.17 27.10
N GLU B 337 -18.81 1.50 27.67
CA GLU B 337 -17.56 0.84 27.35
C GLU B 337 -17.62 -0.65 27.61
N LEU B 338 -18.30 -1.03 28.69
CA LEU B 338 -18.38 -2.43 29.11
C LEU B 338 -19.54 -3.23 28.48
N SER B 339 -20.38 -2.57 27.68
CA SER B 339 -21.65 -3.18 27.26
C SER B 339 -21.53 -4.49 26.49
N SER B 340 -20.52 -4.61 25.63
CA SER B 340 -20.32 -5.86 24.88
C SER B 340 -20.19 -7.09 25.80
N ASN B 341 -19.79 -6.88 27.07
CA ASN B 341 -19.57 -7.99 28.01
C ASN B 341 -19.35 -7.58 29.49
N PRO B 342 -20.38 -7.02 30.14
CA PRO B 342 -20.26 -6.55 31.54
C PRO B 342 -19.53 -7.45 32.56
N PRO B 343 -19.72 -8.77 32.58
CA PRO B 343 -18.91 -9.64 33.46
C PRO B 343 -17.38 -9.45 33.37
N LEU B 344 -16.87 -8.96 32.23
CA LEU B 344 -15.43 -8.72 32.10
C LEU B 344 -14.93 -7.67 33.08
N ALA B 345 -15.83 -6.79 33.53
CA ALA B 345 -15.50 -5.76 34.54
C ALA B 345 -14.79 -6.30 35.79
N THR B 346 -14.93 -7.60 36.03
CA THR B 346 -14.30 -8.30 37.13
C THR B 346 -12.78 -8.43 36.97
N ILE B 347 -12.36 -8.78 35.76
CA ILE B 347 -10.94 -8.80 35.44
C ILE B 347 -10.49 -7.37 35.21
N LEU B 348 -11.33 -6.60 34.52
CA LEU B 348 -10.93 -5.30 34.00
C LEU B 348 -10.67 -4.23 35.05
N ILE B 349 -11.61 -4.09 35.99
CA ILE B 349 -11.46 -3.16 37.12
C ILE B 349 -10.94 -3.98 38.28
N PRO B 350 -9.65 -3.85 38.58
CA PRO B 350 -9.03 -4.61 39.69
C PRO B 350 -9.37 -4.02 41.07
N PRO B 351 -9.27 -4.82 42.14
CA PRO B 351 -9.68 -4.39 43.50
C PRO B 351 -9.22 -2.99 43.91
N HIS B 352 -7.94 -2.66 43.74
CA HIS B 352 -7.43 -1.34 44.13
C HIS B 352 -8.08 -0.14 43.43
N ALA B 353 -8.64 -0.37 42.25
CA ALA B 353 -9.24 0.72 41.47
C ALA B 353 -10.76 0.86 41.66
N ARG B 354 -11.35 0.00 42.48
CA ARG B 354 -12.80 0.02 42.68
C ARG B 354 -13.20 0.96 43.82
CAC FLC C . -4.36 -15.22 -10.11
CA FLC C . -5.05 -16.46 -9.60
CB FLC C . -4.56 -17.71 -10.33
CBC FLC C . -5.36 -18.91 -9.85
CG FLC C . -3.08 -17.98 -10.01
CGC FLC C . -2.41 -19.06 -10.88
OA1 FLC C . -5.00 -14.41 -10.82
OA2 FLC C . -3.16 -15.03 -9.80
OB1 FLC C . -5.40 -19.14 -8.61
OB2 FLC C . -5.98 -19.65 -10.68
OG1 FLC C . -2.54 -19.04 -12.13
OG2 FLC C . -1.72 -19.92 -10.30
OHB FLC C . -4.77 -17.48 -11.73
C28 DFN D . 19.26 -4.09 -9.21
N22 DFN D . 18.58 -5.37 -9.25
C48 DFN D . 18.34 -6.08 -10.40
C21 DFN D . 18.05 -6.03 -8.18
C24 DFN D . 18.06 -5.68 -6.81
C31 DFN D . 17.45 -6.55 -5.90
C29 DFN D . 16.88 -7.73 -6.38
F39 DFN D . 16.32 -8.57 -5.51
C20 DFN D . 17.48 -7.22 -8.66
C23 DFN D . 16.86 -8.08 -7.73
C19 DFN D . 17.67 -7.26 -10.08
C01 DFN D . 17.26 -8.18 -11.10
C02 DFN D . 16.16 -8.96 -11.24
C03 DFN D . 16.26 -9.64 -12.55
O06 DFN D . 15.43 -10.44 -13.02
N04 DFN D . 17.40 -9.23 -13.13
C05 DFN D . 18.07 -8.36 -12.35
O07 DFN D . 19.13 -7.83 -12.62
C08 DFN D . 15.00 -9.15 -10.37
C09 DFN D . 14.35 -8.05 -9.80
C10 DFN D . 13.22 -8.19 -8.95
C11 DFN D . 12.71 -9.47 -8.73
C12 DFN D . 13.31 -10.58 -9.32
C13 DFN D . 14.44 -10.43 -10.14
N15 DFN D . 12.59 -7.14 -8.35
C26 DFN D . 12.98 -5.74 -8.50
C34 DFN D . 14.22 -5.52 -7.61
O41 DFN D . 13.81 -5.53 -6.23
C40 DFN D . 14.88 -4.19 -7.97
O45 DFN D . 14.03 -3.10 -7.62
CAC FLC E . -18.09 3.87 2.88
CA FLC E . -19.05 4.35 1.80
CB FLC E . -20.09 5.35 2.33
CBC FLC E . -21.10 5.61 1.23
CG FLC E . -19.41 6.67 2.70
CGC FLC E . -20.29 7.67 3.46
OA1 FLC E . -18.21 2.72 3.34
OA2 FLC E . -17.22 4.68 3.25
OB1 FLC E . -20.68 6.08 0.14
OB2 FLC E . -22.32 5.36 1.42
OG1 FLC E . -21.07 7.26 4.35
OG2 FLC E . -20.18 8.89 3.20
OHB FLC E . -20.75 4.74 3.46
C28 DFN F . 1.80 14.63 16.01
N22 DFN F . 0.50 14.92 15.41
C48 DFN F . -0.67 14.91 16.11
C21 DFN F . 0.26 15.21 14.09
C24 DFN F . 1.17 15.32 13.00
C31 DFN F . 0.65 15.64 11.74
C29 DFN F . -0.73 15.83 11.60
F39 DFN F . -1.20 16.15 10.40
C20 DFN F . -1.13 15.40 13.95
C23 DFN F . -1.62 15.72 12.67
C19 DFN F . -1.71 15.23 15.25
C01 DFN F . -3.07 15.28 15.71
C02 DFN F . -4.25 14.94 15.12
C03 DFN F . -5.33 15.12 16.11
O06 DFN F . -6.54 14.92 15.94
N04 DFN F . -4.74 15.56 17.25
C05 DFN F . -3.41 15.67 17.11
O07 DFN F . -2.64 16.04 18.00
C08 DFN F . -4.56 14.43 13.78
C09 DFN F . -3.80 13.38 13.23
C10 DFN F . -4.07 12.85 11.95
C11 DFN F . -5.16 13.35 11.25
C12 DFN F . -5.96 14.37 11.78
C13 DFN F . -5.67 14.89 13.05
N15 DFN F . -3.33 11.86 11.36
C26 DFN F . -2.14 11.24 11.94
C34 DFN F . -0.94 12.19 11.82
O41 DFN F . -0.41 12.18 10.49
C40 DFN F . 0.11 11.76 12.83
O45 DFN F . 0.86 10.67 12.32
#